data_6T2C
#
_entry.id   6T2C
#
_cell.length_a   1.00
_cell.length_b   1.00
_cell.length_c   1.00
_cell.angle_alpha   90.00
_cell.angle_beta   90.00
_cell.angle_gamma   90.00
#
_symmetry.space_group_name_H-M   'P 1'
#
loop_
_entity.id
_entity.type
_entity.pdbx_description
1 polymer 'Polymerase acidic protein'
2 polymer 'RNA-directed RNA polymerase catalytic subunit'
3 polymer 'Polymerase basic protein 2'
4 polymer vRNA
5 non-polymer 'MAGNESIUM ION'
#
loop_
_entity_poly.entity_id
_entity_poly.type
_entity_poly.pdbx_seq_one_letter_code
_entity_poly.pdbx_strand_id
1 'polypeptide(L)'
;GSHHHHHHHHGSGSMENFVRTNFNPMILERAEKTMKEYGENPQNEGNKFAAISTHMEVCFMYSDFHFIDLEGNTIVKEND
DDNAMLKHRFEIIEGQERNIAWTIVNSICNMTENSKPRFLPDLYDYKTNKFIEIGVTRRKVEDYYYEKASKLKGENVYIH
IFSFDGEEMATDDEYILDEESRARIKTRLFVLRQELATAGLWDSFRQSEKGEETLEEEFSYPPTFQRLANQSLPPSFKDY
HQFKAYVSSFKANGNIEAKLGAMSEKVNAQIESFDPRTIRELELPEGKFCTQRSKFLLMDAMKLSVLNPAHEGEGIPMKD
AKACLDTFWGWKKATIIKKHEKGVNTNYLMIWEQLLESIKEMEGKFLNLKKTNHLKWGLGEGQAPEKMDFEDCKEVPDLF
QYKSEPPEKRKLASWIQSEFNKASELTNSNWIEFDELGNDVAPIEHIASRRRNFFTAEVSQCRASEYIMKAVYINTALLN
SSCTAMEEYQVIPIITKCRDTSGQRRTNLYGFIIKGRSHLRNDTDVVNFISLEFSLTDPRNEIHKWEKYCVLEIGDMEIR
TSISTIMKPVYLYVRTNGTSKIKMKWGMEMRRCLLQSLQQVESMIEAESAVKEKDMTEPFFRNRENDWPIGESPQGIEKG
TIGKVCRVLLAKSVFNSIYASAQLEGFSAESRKLLLLIQAFRDNLDPGTFDLKGLYEAIEECIINDPWVLLNASWFNSFL
KAVQLSMGSGSGENLYFQ
;
A
2 'polypeptide(L)'
;GSGSGSGSGMDVNPMLIFLKVPVQNAISTTFPYTGDPPYSHGTGTGYTMDTVIRTHDYSSRGIWKTNSETGAQQLNPIDG
PLPEDNEPSGYAQTDCVLELIEGLDRSHPGLFETACQETIDAIQQTRVDKLTQGRQTYDWTLNRNQPAATALANTIEVFR
KNGYKLNESGRLIDFLKDVLLSFENDSMEVTTHFQKKKRIRDNHSKKMITQRTIGKKRVKLTKKNYLIRALTLNTMTKDA
ERGKLKRRAIATPGMQIRGFVYFVELLARNICERLEQSGLPVGGNEKKAKLANVIKKMMAKSTDEELSYTITGDNTKWNE
NQNPRIFLAMVLRITAGQPEWFRDLLAVAPIMFSNKVARLGRGYMFESKSMHLRTQISAENLSDINLRYFNEDTKKKIEK
IRHLMVEGTASLSPGMMMGMFNMLSTVLGVSVLNLGQREILKRTYWWDGLQSSDDFALIINGHFKEDIQQGVNHFYRTCK
LVGINMSQKKSYINKTGTFEFTSFFYRYGFVANFSMELPSFGVAGNNESADMSIGTTVIKTNMINNDLGPATAQMAIQLF
IKDYRYTYRCHRGDTNLETRRTKSIKRLWTETISKAGLLVADGGPNPYNLRNLHIPEVCLKWSLMDPDYRGRLCNPNNPF
VHHMEVESTNLAVVMPAHGPAKSLEYDAVATTHSWTPKRNRSILNTNQRGILEDERIYQKCCQVFEKFFPSSTYRRPIGM
ASMLDAMLSRARIDARIDLESGRISSQDFSEITNTCKAIEALKRQGSGSGENLYFQ
;
B
3 'polypeptide(L)'
;GSGSGSGSGMERIKELMEMVKNSRMREILTTTSVDHMAVIKKYTSGRQEKNPALRMKWMMAMKYPISASSRIREMIPEKD
EDGNTLWTNTKDAGSNRVLVSPNAVTWWNRAGPVSDVVHYPRVYKMYFDRLERLTHGTFGPVKFYNQVKVRKRVDINPGH
KDLTSREAQEVIMEVVFPNEVGARTLSSDAQLTITKEKKEELKNCKISPIMVAYMLERELVRRTRFLPIAGATSSTYVEV
LHLTQGTCWEQQYTPGGEAENDDLDQTLIIASRNIVRRSIVAIDPLASLLSMCHTTSISSEPLVEILRSNPTDEQAVNIC
KAALGIRINNSFSFGGYNFKRVKGSSQRTEKAVLTGNLQTLTMTIFEGYEEFNVSGKRASAVLKKGAQRLIQAIIGGRTL
EDILNLMITLMVFSQEEKMLKAVRGDLNFVNRANQRLNPMYQLLRHFQKDSSTLLKNWGTEEIDPIMGIAGIMPDGTINK
TQTLMGVRLSQGGVDEYSFNERIRVNIDKYLRVRNEKGELLISPEEVSEAQGQEKLPINYNSSLMWEVNGPESILTNTYH
WIIKNWELLKTQWMTDPTVLYNRIEFEPFQTLIPKGNRAIYSGFTRTLFQQMRDVEGTFDSIQIIKLLPFSAHPPSLGRT
QFSSFTLNIRGAPLRLLIRGNSQVFNYNQMENVIIVLGKSVGSPERSILTESSSIESAVLRGFLILGKANSKYGPVLTIG
ELDKLGRGEKANVLIGQGDTVLVMKRKRDSSILTDSQTALKRIRLEESKGWSHPQFEKGGGSGGGSGGSAWSHPQFEKGR
SGGENLYFQ
;
C
4 'polyribonucleotide' AGUAGUAACAAGAGGUAUUACCUCUGCUUCUGCU V
#
# COMPACT_ATOMS: atom_id res chain seq x y z
N GLU A 216 -47.36 8.68 0.69
CA GLU A 216 -46.28 9.66 0.75
C GLU A 216 -45.35 9.33 1.92
N GLU A 217 -44.15 9.88 1.88
CA GLU A 217 -43.15 9.68 2.93
C GLU A 217 -43.07 10.92 3.81
N GLU A 218 -42.52 10.74 5.01
CA GLU A 218 -42.54 11.76 6.04
C GLU A 218 -41.22 11.78 6.79
N PHE A 219 -40.68 12.97 7.02
CA PHE A 219 -39.45 13.14 7.78
C PHE A 219 -39.42 14.57 8.30
N SER A 220 -39.34 14.72 9.61
CA SER A 220 -39.34 16.04 10.21
C SER A 220 -38.38 16.06 11.38
N TYR A 221 -37.94 17.21 11.69
CA TYR A 221 -36.92 17.28 12.72
C TYR A 221 -37.54 17.36 14.11
N PRO A 222 -36.92 16.71 15.09
CA PRO A 222 -37.25 16.99 16.49
C PRO A 222 -36.77 18.37 16.88
N PRO A 223 -37.23 18.91 18.01
CA PRO A 223 -36.77 20.25 18.42
C PRO A 223 -35.30 20.35 18.77
N THR A 224 -34.69 19.28 19.31
CA THR A 224 -33.26 19.33 19.64
C THR A 224 -32.42 19.40 18.38
N PHE A 225 -32.73 18.54 17.40
CA PHE A 225 -32.01 18.62 16.13
C PHE A 225 -32.36 19.88 15.36
N GLN A 226 -33.52 20.48 15.59
CA GLN A 226 -33.83 21.75 14.96
C GLN A 226 -33.00 22.88 15.53
N ARG A 227 -32.79 22.89 16.85
CA ARG A 227 -31.89 23.87 17.43
C ARG A 227 -30.44 23.61 17.04
N LEU A 228 -30.10 22.36 16.73
CA LEU A 228 -28.78 22.11 16.14
C LEU A 228 -28.70 22.64 14.72
N ALA A 229 -29.75 22.44 13.93
CA ALA A 229 -29.73 22.81 12.52
C ALA A 229 -29.82 24.31 12.31
N ASN A 230 -30.32 25.07 13.29
CA ASN A 230 -30.29 26.52 13.15
C ASN A 230 -28.89 27.10 13.37
N GLN A 231 -27.92 26.29 13.78
CA GLN A 231 -26.55 26.76 13.98
C GLN A 231 -25.58 26.12 13.01
N SER A 232 -26.06 25.68 11.86
CA SER A 232 -25.21 25.09 10.83
C SER A 232 -25.45 25.79 9.51
N LEU A 233 -25.43 27.11 9.53
CA LEU A 233 -25.82 27.96 8.41
C LEU A 233 -24.71 28.95 8.10
N PRO A 234 -24.78 29.63 6.95
CA PRO A 234 -23.98 30.83 6.77
C PRO A 234 -24.33 31.86 7.82
N PRO A 235 -23.36 32.71 8.21
CA PRO A 235 -23.51 33.45 9.48
C PRO A 235 -24.55 34.54 9.47
N SER A 236 -25.03 34.98 8.33
CA SER A 236 -26.01 36.05 8.30
C SER A 236 -27.44 35.56 8.47
N PHE A 237 -27.65 34.25 8.59
CA PHE A 237 -28.99 33.69 8.71
C PHE A 237 -29.27 33.27 10.15
N LYS A 238 -30.54 32.95 10.42
CA LYS A 238 -30.93 32.58 11.76
C LYS A 238 -31.87 31.39 11.86
N ASP A 239 -32.47 30.93 10.76
CA ASP A 239 -33.39 29.81 10.81
C ASP A 239 -33.10 28.91 9.63
N TYR A 240 -33.25 27.59 9.84
CA TYR A 240 -32.94 26.63 8.80
C TYR A 240 -33.92 26.73 7.65
N HIS A 241 -35.20 26.97 7.96
CA HIS A 241 -36.20 27.12 6.90
C HIS A 241 -36.00 28.42 6.14
N GLN A 242 -35.45 29.44 6.79
CA GLN A 242 -35.18 30.69 6.10
C GLN A 242 -34.02 30.53 5.12
N PHE A 243 -33.00 29.76 5.51
CA PHE A 243 -31.90 29.50 4.58
C PHE A 243 -32.33 28.58 3.46
N LYS A 244 -33.22 27.63 3.74
CA LYS A 244 -33.78 26.79 2.69
C LYS A 244 -34.61 27.62 1.72
N ALA A 245 -35.33 28.61 2.22
CA ALA A 245 -36.12 29.48 1.35
C ALA A 245 -35.23 30.44 0.57
N TYR A 246 -34.07 30.79 1.10
CA TYR A 246 -33.15 31.63 0.34
C TYR A 246 -32.49 30.83 -0.77
N VAL A 247 -32.10 29.60 -0.49
CA VAL A 247 -31.42 28.77 -1.48
C VAL A 247 -32.38 28.35 -2.59
N SER A 248 -33.58 27.89 -2.21
CA SER A 248 -34.51 27.30 -3.16
C SER A 248 -35.09 28.31 -4.14
N SER A 249 -34.97 29.61 -3.87
CA SER A 249 -35.46 30.65 -4.77
C SER A 249 -34.34 31.61 -5.11
N PHE A 250 -33.18 31.07 -5.43
CA PHE A 250 -32.01 31.87 -5.76
C PHE A 250 -31.91 32.03 -7.27
N LYS A 251 -31.77 33.27 -7.71
CA LYS A 251 -31.63 33.62 -9.12
C LYS A 251 -30.43 34.55 -9.22
N ALA A 252 -29.32 34.04 -9.73
CA ALA A 252 -28.06 34.75 -9.64
C ALA A 252 -28.00 35.91 -10.62
N ASN A 253 -27.12 36.87 -10.32
CA ASN A 253 -26.96 38.06 -11.14
C ASN A 253 -25.49 38.40 -11.29
N GLY A 254 -24.66 37.38 -11.52
CA GLY A 254 -23.24 37.59 -11.75
C GLY A 254 -22.48 38.02 -10.53
N ASN A 255 -22.58 37.23 -9.45
CA ASN A 255 -21.88 37.57 -8.21
C ASN A 255 -20.39 37.30 -8.34
N ILE A 256 -20.01 36.35 -9.20
CA ILE A 256 -18.60 35.97 -9.32
C ILE A 256 -17.79 37.11 -9.92
N GLU A 257 -18.37 37.86 -10.86
CA GLU A 257 -17.67 39.02 -11.41
C GLU A 257 -17.43 40.09 -10.37
N ALA A 258 -18.40 40.28 -9.47
CA ALA A 258 -18.24 41.27 -8.41
C ALA A 258 -17.18 40.83 -7.40
N LYS A 259 -17.11 39.53 -7.10
CA LYS A 259 -16.09 39.07 -6.16
C LYS A 259 -14.70 39.11 -6.78
N LEU A 260 -14.57 38.73 -8.06
CA LEU A 260 -13.28 38.75 -8.73
C LEU A 260 -12.82 40.16 -9.05
N GLY A 261 -13.73 41.12 -9.15
CA GLY A 261 -13.32 42.50 -9.19
C GLY A 261 -13.03 43.09 -7.83
N ALA A 262 -13.58 42.50 -6.77
CA ALA A 262 -13.33 42.98 -5.43
C ALA A 262 -12.17 42.28 -4.74
N MET A 263 -11.79 41.09 -5.18
CA MET A 263 -10.65 40.40 -4.56
C MET A 263 -9.34 41.10 -4.93
N SER A 264 -8.37 41.01 -4.02
CA SER A 264 -7.10 41.69 -4.18
C SER A 264 -6.29 41.10 -5.32
N GLU A 265 -5.28 41.85 -5.75
CA GLU A 265 -4.48 41.44 -6.89
C GLU A 265 -3.25 40.64 -6.52
N LYS A 266 -3.05 40.34 -5.24
CA LYS A 266 -1.96 39.45 -4.85
C LYS A 266 -2.30 37.99 -5.12
N VAL A 267 -3.58 37.69 -5.33
CA VAL A 267 -4.04 36.31 -5.42
C VAL A 267 -4.10 35.96 -6.90
N ASN A 268 -2.99 35.45 -7.43
CA ASN A 268 -2.91 35.05 -8.82
C ASN A 268 -1.80 34.02 -8.99
N ALA A 269 -1.97 33.15 -9.96
CA ALA A 269 -1.02 32.08 -10.24
C ALA A 269 -0.07 32.55 -11.33
N GLN A 270 1.05 33.15 -10.92
CA GLN A 270 1.99 33.70 -11.87
C GLN A 270 2.92 32.61 -12.37
N ILE A 271 3.16 32.58 -13.68
CA ILE A 271 3.95 31.54 -14.32
C ILE A 271 5.39 32.03 -14.44
N GLU A 272 6.33 31.27 -13.87
CA GLU A 272 7.74 31.46 -14.16
C GLU A 272 8.19 30.31 -15.06
N SER A 273 8.81 30.65 -16.20
CA SER A 273 9.09 29.66 -17.22
C SER A 273 10.29 28.80 -16.84
N PHE A 274 10.21 27.52 -17.14
CA PHE A 274 11.20 26.55 -16.74
C PHE A 274 12.32 26.46 -17.75
N ASP A 275 13.57 26.45 -17.26
CA ASP A 275 14.72 26.33 -18.13
C ASP A 275 15.77 25.47 -17.43
N PRO A 276 15.97 24.21 -17.85
CA PRO A 276 16.92 23.34 -17.16
C PRO A 276 18.38 23.68 -17.42
N ARG A 277 18.68 24.63 -18.29
CA ARG A 277 20.04 25.11 -18.43
C ARG A 277 20.39 26.16 -17.39
N THR A 278 19.45 26.53 -16.52
CA THR A 278 19.68 27.55 -15.50
C THR A 278 19.35 27.11 -14.08
N ILE A 279 18.70 25.97 -13.89
CA ILE A 279 18.32 25.57 -12.54
C ILE A 279 19.54 25.03 -11.79
N ARG A 280 19.44 25.01 -10.47
CA ARG A 280 20.54 24.64 -9.62
C ARG A 280 20.48 23.15 -9.25
N GLU A 281 21.62 22.61 -8.84
CA GLU A 281 21.69 21.24 -8.41
C GLU A 281 21.07 21.08 -7.03
N LEU A 282 20.57 19.88 -6.75
CA LEU A 282 20.04 19.58 -5.43
C LEU A 282 21.17 19.54 -4.41
N GLU A 283 20.91 20.08 -3.23
CA GLU A 283 21.93 20.12 -2.19
C GLU A 283 21.96 18.82 -1.40
N LEU A 284 23.15 18.41 -1.03
CA LEU A 284 23.29 17.26 -0.16
C LEU A 284 23.82 17.71 1.19
N PRO A 285 23.32 17.13 2.29
CA PRO A 285 23.63 17.66 3.62
C PRO A 285 25.06 17.43 4.08
N GLU A 286 25.36 17.84 5.31
CA GLU A 286 26.70 17.77 5.88
C GLU A 286 26.65 17.15 7.26
N GLY A 287 27.67 16.34 7.55
CA GLY A 287 27.80 15.69 8.85
C GLY A 287 28.81 14.57 8.76
N LYS A 288 28.59 13.53 9.56
CA LYS A 288 29.39 12.33 9.43
C LYS A 288 29.04 11.59 8.15
N PHE A 289 29.92 10.67 7.76
CA PHE A 289 29.63 9.80 6.63
C PHE A 289 28.51 8.83 7.00
N CYS A 290 27.71 8.45 6.01
CA CYS A 290 26.61 7.55 6.26
C CYS A 290 27.11 6.12 6.38
N THR A 291 26.55 5.37 7.32
CA THR A 291 27.00 4.02 7.62
C THR A 291 25.99 2.99 7.14
N GLN A 292 26.45 1.73 7.13
CA GLN A 292 25.66 0.64 6.59
C GLN A 292 24.49 0.32 7.50
N ARG A 293 23.34 0.01 6.91
CA ARG A 293 22.18 -0.37 7.71
C ARG A 293 21.42 -1.54 7.11
N SER A 294 22.11 -2.47 6.47
CA SER A 294 21.44 -3.65 5.94
C SER A 294 21.47 -4.77 6.95
N LYS A 295 20.55 -5.73 6.80
CA LYS A 295 20.47 -6.83 7.73
C LYS A 295 21.55 -7.87 7.53
N PHE A 296 22.22 -7.85 6.38
CA PHE A 296 23.33 -8.75 6.08
C PHE A 296 24.38 -7.98 5.31
N LEU A 297 25.57 -8.55 5.24
CA LEU A 297 26.65 -7.91 4.50
C LEU A 297 26.42 -8.14 3.01
N LEU A 298 26.53 -7.08 2.23
CA LEU A 298 26.10 -7.17 0.83
C LEU A 298 27.22 -7.59 -0.11
N MET A 299 28.27 -6.78 -0.23
CA MET A 299 29.36 -7.11 -1.13
C MET A 299 30.58 -7.63 -0.40
N ASP A 300 30.49 -7.79 0.91
CA ASP A 300 31.63 -8.21 1.71
C ASP A 300 31.50 -9.63 2.26
N ALA A 301 30.34 -10.26 2.12
CA ALA A 301 30.10 -11.52 2.79
C ALA A 301 30.81 -12.66 2.08
N MET A 302 31.33 -13.60 2.86
CA MET A 302 31.99 -14.79 2.38
C MET A 302 31.11 -16.00 2.67
N LYS A 303 31.10 -16.96 1.76
CA LYS A 303 30.22 -18.12 1.86
C LYS A 303 31.04 -19.39 1.93
N LEU A 304 30.72 -20.26 2.89
CA LEU A 304 31.29 -21.59 2.94
C LEU A 304 30.36 -22.54 2.21
N SER A 305 30.89 -23.29 1.25
CA SER A 305 30.06 -24.01 0.31
C SER A 305 30.24 -25.52 0.46
N VAL A 306 29.16 -26.24 0.15
CA VAL A 306 29.17 -27.69 0.04
C VAL A 306 28.59 -28.03 -1.33
N LEU A 307 29.35 -28.77 -2.14
CA LEU A 307 28.92 -29.16 -3.47
C LEU A 307 28.19 -30.50 -3.40
N ASN A 308 26.90 -30.48 -3.74
CA ASN A 308 26.00 -31.63 -3.77
C ASN A 308 25.97 -32.36 -2.44
N PRO A 309 25.30 -31.81 -1.43
CA PRO A 309 25.39 -32.39 -0.08
C PRO A 309 24.61 -33.69 0.06
N ALA A 310 25.17 -34.61 0.86
CA ALA A 310 24.47 -35.81 1.29
C ALA A 310 25.05 -36.17 2.66
N HIS A 311 24.38 -35.72 3.73
CA HIS A 311 24.97 -35.82 5.05
C HIS A 311 23.94 -36.24 6.09
N GLU A 312 22.89 -36.94 5.68
CA GLU A 312 21.85 -37.57 6.50
C GLU A 312 20.94 -36.59 7.25
N GLY A 313 21.21 -35.29 7.18
CA GLY A 313 20.23 -34.31 7.55
C GLY A 313 19.50 -33.85 6.31
N GLU A 314 20.27 -33.38 5.34
CA GLU A 314 19.87 -33.13 3.96
C GLU A 314 18.70 -32.15 3.86
N GLY A 315 18.98 -30.90 4.23
CA GLY A 315 18.05 -29.80 4.07
C GLY A 315 17.70 -29.10 5.36
N ILE A 316 17.84 -29.79 6.48
CA ILE A 316 17.65 -29.18 7.80
C ILE A 316 18.77 -28.17 8.02
N PRO A 317 18.46 -26.92 8.40
CA PRO A 317 19.46 -25.86 8.30
C PRO A 317 20.62 -25.97 9.27
N MET A 318 20.41 -26.50 10.48
CA MET A 318 21.54 -26.63 11.38
C MET A 318 22.46 -27.77 10.97
N LYS A 319 21.91 -28.83 10.39
CA LYS A 319 22.74 -29.90 9.85
C LYS A 319 23.58 -29.40 8.68
N ASP A 320 22.99 -28.57 7.82
CA ASP A 320 23.73 -28.00 6.71
C ASP A 320 24.76 -26.97 7.18
N ALA A 321 24.46 -26.25 8.27
CA ALA A 321 25.43 -25.32 8.82
C ALA A 321 26.60 -26.06 9.43
N LYS A 322 26.35 -27.19 10.08
CA LYS A 322 27.47 -28.00 10.58
C LYS A 322 28.27 -28.61 9.44
N ALA A 323 27.59 -29.03 8.37
CA ALA A 323 28.30 -29.60 7.24
C ALA A 323 29.12 -28.56 6.49
N CYS A 324 28.70 -27.30 6.51
CA CYS A 324 29.52 -26.26 5.91
C CYS A 324 30.62 -25.79 6.85
N LEU A 325 30.38 -25.83 8.15
CA LEU A 325 31.41 -25.42 9.10
C LEU A 325 32.54 -26.43 9.18
N ASP A 326 32.26 -27.71 8.96
CA ASP A 326 33.32 -28.70 9.02
C ASP A 326 34.27 -28.64 7.83
N THR A 327 33.93 -27.90 6.78
CA THR A 327 34.81 -27.70 5.63
C THR A 327 35.65 -26.45 5.75
N PHE A 328 35.98 -26.02 6.97
CA PHE A 328 36.84 -24.87 7.15
C PHE A 328 37.67 -25.12 8.39
N TRP A 329 38.91 -25.57 8.19
CA TRP A 329 39.88 -25.69 9.26
C TRP A 329 40.80 -24.48 9.23
N GLY A 330 41.26 -24.08 10.40
CA GLY A 330 41.93 -22.80 10.51
C GLY A 330 41.27 -21.89 11.51
N TRP A 331 40.67 -22.47 12.54
CA TRP A 331 40.07 -21.70 13.61
C TRP A 331 41.17 -21.24 14.56
N LYS A 332 41.56 -19.98 14.44
CA LYS A 332 42.50 -19.43 15.41
C LYS A 332 41.73 -18.88 16.60
N LYS A 333 42.47 -18.34 17.57
CA LYS A 333 41.86 -17.77 18.76
C LYS A 333 41.30 -16.39 18.44
N ALA A 334 40.03 -16.18 18.76
CA ALA A 334 39.32 -14.99 18.33
C ALA A 334 39.72 -13.77 19.14
N THR A 335 40.16 -12.72 18.45
CA THR A 335 40.46 -11.44 19.08
C THR A 335 39.68 -10.34 18.37
N ILE A 336 39.66 -9.17 18.98
CA ILE A 336 38.93 -8.02 18.45
C ILE A 336 39.87 -7.19 17.60
N ILE A 337 39.42 -6.76 16.43
CA ILE A 337 40.21 -5.85 15.60
C ILE A 337 39.48 -4.58 15.24
N LYS A 338 38.16 -4.47 15.47
CA LYS A 338 37.50 -3.18 15.33
C LYS A 338 36.40 -3.10 16.37
N LYS A 339 36.55 -2.20 17.33
CA LYS A 339 35.64 -2.13 18.46
C LYS A 339 34.34 -1.46 18.07
N HIS A 340 33.25 -1.95 18.63
CA HIS A 340 32.02 -1.17 18.67
C HIS A 340 32.25 0.05 19.55
N GLU A 341 31.71 1.19 19.13
CA GLU A 341 32.04 2.45 19.80
C GLU A 341 31.36 2.56 21.14
N LYS A 342 30.11 2.12 21.24
CA LYS A 342 29.31 2.29 22.45
C LYS A 342 29.02 0.98 23.16
N GLY A 343 29.79 -0.08 22.89
CA GLY A 343 29.47 -1.40 23.38
C GLY A 343 30.54 -1.99 24.28
N VAL A 344 30.15 -3.03 25.00
CA VAL A 344 31.06 -3.82 25.84
C VAL A 344 31.51 -4.98 24.95
N ASN A 345 32.66 -4.80 24.28
CA ASN A 345 33.05 -5.68 23.20
C ASN A 345 33.44 -7.07 23.66
N THR A 346 33.77 -7.23 24.94
CA THR A 346 34.03 -8.56 25.47
C THR A 346 32.77 -9.41 25.47
N ASN A 347 31.60 -8.78 25.53
CA ASN A 347 30.37 -9.53 25.41
C ASN A 347 30.18 -10.08 24.01
N TYR A 348 30.61 -9.33 22.99
CA TYR A 348 30.56 -9.85 21.62
C TYR A 348 31.54 -10.99 21.43
N LEU A 349 32.73 -10.86 22.00
CA LEU A 349 33.71 -11.94 21.93
C LEU A 349 33.21 -13.19 22.65
N MET A 350 32.59 -13.03 23.81
CA MET A 350 32.12 -14.19 24.54
C MET A 350 30.86 -14.77 23.91
N ILE A 351 30.09 -13.95 23.19
CA ILE A 351 28.94 -14.46 22.45
C ILE A 351 29.41 -15.36 21.32
N TRP A 352 30.45 -14.95 20.61
CA TRP A 352 30.99 -15.81 19.55
C TRP A 352 31.63 -17.08 20.12
N GLU A 353 32.32 -16.97 21.26
CA GLU A 353 32.91 -18.16 21.87
C GLU A 353 31.83 -19.13 22.37
N GLN A 354 30.74 -18.59 22.93
CA GLN A 354 29.65 -19.43 23.40
C GLN A 354 28.93 -20.11 22.25
N LEU A 355 28.73 -19.41 21.14
CA LEU A 355 28.10 -20.02 19.98
C LEU A 355 28.99 -21.09 19.35
N LEU A 356 30.29 -20.84 19.30
CA LEU A 356 31.22 -21.83 18.75
C LEU A 356 31.28 -23.07 19.63
N GLU A 357 31.17 -22.90 20.95
CA GLU A 357 31.09 -24.04 21.85
C GLU A 357 29.78 -24.81 21.65
N SER A 358 28.66 -24.09 21.66
CA SER A 358 27.35 -24.73 21.66
C SER A 358 26.97 -25.33 20.31
N ILE A 359 27.67 -24.99 19.23
CA ILE A 359 27.35 -25.64 17.97
C ILE A 359 27.84 -27.07 17.96
N LYS A 360 29.06 -27.30 18.46
CA LYS A 360 29.69 -28.61 18.39
C LYS A 360 29.05 -29.65 19.30
N GLU A 361 28.18 -29.24 20.23
CA GLU A 361 27.55 -30.15 21.18
C GLU A 361 26.05 -30.28 20.94
N MET A 362 25.58 -30.01 19.73
CA MET A 362 24.15 -30.04 19.49
C MET A 362 23.70 -31.45 19.12
N GLU A 363 22.54 -31.83 19.64
CA GLU A 363 21.94 -33.13 19.37
C GLU A 363 20.49 -32.86 18.97
N GLY A 364 20.24 -32.77 17.68
CA GLY A 364 18.89 -32.51 17.23
C GLY A 364 18.81 -31.59 16.02
N LYS A 365 17.63 -31.02 15.80
CA LYS A 365 17.38 -30.21 14.61
C LYS A 365 17.40 -28.73 14.89
N PHE A 366 17.37 -28.30 16.16
CA PHE A 366 17.35 -26.89 16.50
C PHE A 366 18.26 -26.64 17.68
N LEU A 367 18.95 -25.50 17.65
CA LEU A 367 19.83 -25.10 18.74
C LEU A 367 19.23 -23.91 19.45
N ASN A 368 19.05 -24.02 20.76
CA ASN A 368 18.62 -22.93 21.61
C ASN A 368 19.71 -22.65 22.63
N LEU A 369 20.04 -21.38 22.83
CA LEU A 369 21.20 -21.03 23.62
C LEU A 369 20.83 -20.78 25.08
N LYS A 370 21.82 -20.99 25.96
CA LYS A 370 21.65 -20.77 27.38
C LYS A 370 21.69 -19.28 27.69
N LYS A 371 20.76 -18.82 28.53
CA LYS A 371 20.62 -17.40 28.83
C LYS A 371 21.75 -16.94 29.74
N THR A 372 22.89 -16.59 29.14
CA THR A 372 24.00 -16.05 29.90
C THR A 372 23.83 -14.56 30.10
N ASN A 373 24.79 -13.94 30.78
CA ASN A 373 24.74 -12.50 31.00
C ASN A 373 25.07 -11.73 29.73
N HIS A 374 26.15 -12.12 29.05
CA HIS A 374 26.58 -11.38 27.88
C HIS A 374 25.62 -11.54 26.72
N LEU A 375 24.92 -12.68 26.64
CA LEU A 375 23.92 -12.85 25.60
C LEU A 375 22.70 -11.98 25.88
N LYS A 376 22.36 -11.81 27.16
CA LYS A 376 21.25 -10.94 27.51
C LYS A 376 21.58 -9.48 27.29
N TRP A 377 22.85 -9.08 27.48
CA TRP A 377 23.23 -7.73 27.10
C TRP A 377 23.21 -7.56 25.60
N GLY A 378 23.76 -8.54 24.85
CA GLY A 378 23.83 -8.44 23.42
C GLY A 378 22.49 -8.49 22.73
N LEU A 379 21.48 -9.05 23.39
CA LEU A 379 20.13 -8.99 22.87
C LEU A 379 19.29 -7.93 23.56
N GLY A 380 19.83 -7.31 24.61
CA GLY A 380 19.12 -6.25 25.30
C GLY A 380 17.92 -6.74 26.06
N GLU A 381 18.13 -7.54 27.09
CA GLU A 381 17.03 -7.98 27.93
C GLU A 381 17.07 -7.22 29.25
N GLY A 382 15.94 -6.60 29.58
CA GLY A 382 15.85 -5.79 30.77
C GLY A 382 16.08 -4.32 30.53
N GLN A 383 16.25 -3.89 29.29
CA GLN A 383 16.51 -2.49 29.03
C GLN A 383 15.25 -1.64 28.97
N ALA A 384 14.09 -2.25 28.75
CA ALA A 384 12.86 -1.48 28.79
C ALA A 384 12.51 -1.14 30.23
N PRO A 385 12.25 0.13 30.53
CA PRO A 385 11.89 0.48 31.91
C PRO A 385 10.48 -0.01 32.25
N GLU A 386 10.21 -0.06 33.54
CA GLU A 386 8.96 -0.62 34.03
C GLU A 386 7.80 0.32 33.77
N LYS A 387 6.61 -0.27 33.61
CA LYS A 387 5.40 0.47 33.28
C LYS A 387 4.51 0.54 34.51
N MET A 388 4.33 1.74 35.04
CA MET A 388 3.56 1.94 36.26
C MET A 388 2.19 2.53 35.94
N ASP A 389 1.46 2.88 36.98
CA ASP A 389 0.29 3.75 36.89
C ASP A 389 0.74 5.20 36.96
N PHE A 390 -0.09 6.08 36.42
CA PHE A 390 0.30 7.50 36.38
C PHE A 390 0.23 8.13 37.76
N GLU A 391 -0.75 7.73 38.57
CA GLU A 391 -0.95 8.37 39.88
C GLU A 391 0.18 8.04 40.86
N ASP A 392 0.92 6.96 40.62
CA ASP A 392 1.99 6.60 41.55
C ASP A 392 3.19 7.51 41.39
N CYS A 393 3.71 7.61 40.16
CA CYS A 393 4.91 8.39 39.88
C CYS A 393 4.54 9.52 38.94
N LYS A 394 4.05 10.61 39.51
CA LYS A 394 3.87 11.87 38.80
C LYS A 394 4.67 12.98 39.46
N GLU A 395 5.62 12.63 40.32
CA GLU A 395 6.38 13.58 41.12
C GLU A 395 7.87 13.29 41.02
N VAL A 396 8.37 13.18 39.80
CA VAL A 396 9.78 13.02 39.52
C VAL A 396 10.27 14.26 38.80
N PRO A 397 11.41 14.85 39.20
CA PRO A 397 11.96 15.98 38.43
C PRO A 397 12.46 15.59 37.06
N ASP A 398 12.73 14.31 36.83
CA ASP A 398 13.30 13.85 35.58
C ASP A 398 12.25 13.39 34.58
N LEU A 399 10.99 13.29 34.98
CA LEU A 399 9.94 12.80 34.10
C LEU A 399 9.71 13.78 32.97
N PHE A 400 9.55 13.26 31.76
CA PHE A 400 9.44 14.09 30.58
C PHE A 400 8.72 13.28 29.50
N GLN A 401 8.65 13.84 28.31
CA GLN A 401 8.08 13.13 27.18
C GLN A 401 9.18 12.33 26.47
N TYR A 402 8.76 11.32 25.70
CA TYR A 402 9.68 10.59 24.84
C TYR A 402 10.28 11.52 23.80
N LYS A 403 11.53 11.26 23.46
CA LYS A 403 12.30 12.21 22.66
C LYS A 403 11.90 12.13 21.20
N SER A 404 11.49 13.25 20.63
CA SER A 404 10.93 13.31 19.29
C SER A 404 11.70 14.28 18.40
N GLU A 405 13.01 14.20 18.45
CA GLU A 405 13.84 15.04 17.60
C GLU A 405 13.86 14.51 16.17
N PRO A 406 14.05 15.38 15.19
CA PRO A 406 14.31 14.90 13.83
C PRO A 406 15.68 14.25 13.74
N PRO A 407 15.90 13.35 12.78
CA PRO A 407 17.19 12.66 12.70
C PRO A 407 18.32 13.58 12.30
N GLU A 408 19.53 13.21 12.71
CA GLU A 408 20.71 13.99 12.39
C GLU A 408 21.13 13.75 10.95
N LYS A 409 21.59 14.81 10.30
CA LYS A 409 21.95 14.71 8.88
C LYS A 409 23.30 14.05 8.71
N ARG A 410 23.50 13.41 7.56
CA ARG A 410 24.72 12.68 7.27
C ARG A 410 25.21 13.00 5.88
N LYS A 411 26.52 13.18 5.74
CA LYS A 411 27.14 13.41 4.45
C LYS A 411 27.21 12.11 3.67
N LEU A 412 27.09 12.21 2.35
CA LEU A 412 27.12 11.04 1.48
C LEU A 412 28.50 10.41 1.43
N ALA A 413 28.56 9.12 1.71
CA ALA A 413 29.81 8.38 1.70
C ALA A 413 30.03 7.77 0.32
N SER A 414 31.13 7.03 0.18
CA SER A 414 31.59 6.58 -1.13
C SER A 414 31.50 5.08 -1.30
N TRP A 415 30.81 4.37 -0.42
CA TRP A 415 30.75 2.92 -0.54
C TRP A 415 29.48 2.44 -1.20
N ILE A 416 28.40 3.22 -1.13
CA ILE A 416 27.12 2.74 -1.62
C ILE A 416 27.10 2.72 -3.15
N GLN A 417 27.89 3.57 -3.79
CA GLN A 417 28.07 3.46 -5.23
C GLN A 417 28.84 2.21 -5.59
N SER A 418 29.77 1.77 -4.74
CA SER A 418 30.45 0.51 -4.98
C SER A 418 29.52 -0.66 -4.77
N GLU A 419 28.61 -0.56 -3.79
CA GLU A 419 27.63 -1.63 -3.57
C GLU A 419 26.69 -1.76 -4.77
N PHE A 420 26.23 -0.64 -5.31
CA PHE A 420 25.37 -0.72 -6.47
C PHE A 420 26.15 -1.08 -7.74
N ASN A 421 27.46 -0.85 -7.77
CA ASN A 421 28.27 -1.39 -8.85
C ASN A 421 28.31 -2.90 -8.81
N LYS A 422 28.70 -3.46 -7.66
CA LYS A 422 28.88 -4.90 -7.55
C LYS A 422 27.56 -5.64 -7.49
N ALA A 423 26.45 -4.96 -7.27
CA ALA A 423 25.15 -5.61 -7.24
C ALA A 423 24.51 -5.73 -8.61
N SER A 424 25.28 -5.53 -9.68
CA SER A 424 24.74 -5.69 -11.02
C SER A 424 25.62 -6.55 -11.91
N GLU A 425 26.61 -7.24 -11.34
CA GLU A 425 27.54 -8.04 -12.12
C GLU A 425 27.13 -9.50 -12.07
N LEU A 426 27.45 -10.22 -13.14
CA LEU A 426 27.12 -11.63 -13.23
C LEU A 426 28.01 -12.46 -12.32
N THR A 427 27.45 -13.51 -11.76
CA THR A 427 28.18 -14.48 -10.97
C THR A 427 28.07 -15.84 -11.63
N ASN A 428 28.82 -16.80 -11.09
CA ASN A 428 28.91 -18.14 -11.67
C ASN A 428 27.97 -19.12 -11.01
N SER A 429 26.80 -18.67 -10.60
CA SER A 429 25.76 -19.56 -10.08
C SER A 429 24.44 -19.18 -10.72
N ASN A 430 23.44 -20.04 -10.55
CA ASN A 430 22.12 -19.83 -11.12
C ASN A 430 21.13 -19.77 -9.97
N TRP A 431 20.74 -18.55 -9.59
CA TRP A 431 20.12 -18.35 -8.28
C TRP A 431 18.64 -18.69 -8.30
N ILE A 432 17.85 -18.01 -9.10
CA ILE A 432 16.41 -18.17 -9.07
C ILE A 432 16.00 -19.26 -10.05
N GLU A 433 15.14 -20.17 -9.61
CA GLU A 433 14.69 -21.32 -10.40
C GLU A 433 13.18 -21.33 -10.40
N PHE A 434 12.58 -20.89 -11.50
CA PHE A 434 11.14 -20.78 -11.56
C PHE A 434 10.50 -22.12 -11.86
N ASP A 435 9.18 -22.16 -11.85
CA ASP A 435 8.41 -23.38 -12.05
C ASP A 435 8.14 -23.62 -13.53
N GLU A 436 7.21 -24.52 -13.81
CA GLU A 436 6.76 -24.79 -15.16
C GLU A 436 5.53 -23.96 -15.47
N LEU A 437 5.20 -23.89 -16.76
CA LEU A 437 3.97 -23.28 -17.23
C LEU A 437 3.30 -24.25 -18.19
N GLY A 438 2.06 -23.96 -18.53
CA GLY A 438 1.28 -24.85 -19.36
C GLY A 438 1.70 -24.84 -20.81
N ASN A 439 0.92 -25.55 -21.61
CA ASN A 439 1.16 -25.59 -23.05
C ASN A 439 0.74 -24.27 -23.68
N ASP A 440 1.69 -23.60 -24.32
CA ASP A 440 1.43 -22.30 -24.93
C ASP A 440 0.78 -22.47 -26.30
N VAL A 441 -0.33 -21.77 -26.51
CA VAL A 441 -1.11 -21.87 -27.74
C VAL A 441 -1.28 -20.51 -28.41
N ALA A 442 -1.73 -19.52 -27.66
CA ALA A 442 -2.05 -18.23 -28.24
C ALA A 442 -0.78 -17.47 -28.63
N PRO A 443 -0.84 -16.63 -29.67
CA PRO A 443 0.35 -15.85 -30.05
C PRO A 443 0.81 -14.87 -29.01
N ILE A 444 -0.09 -14.32 -28.18
CA ILE A 444 0.37 -13.44 -27.12
C ILE A 444 1.09 -14.24 -26.05
N GLU A 445 0.77 -15.53 -25.91
CA GLU A 445 1.53 -16.37 -24.99
C GLU A 445 2.92 -16.66 -25.54
N HIS A 446 3.08 -16.75 -26.86
CA HIS A 446 4.40 -16.96 -27.42
C HIS A 446 5.25 -15.69 -27.31
N ILE A 447 4.63 -14.53 -27.51
CA ILE A 447 5.34 -13.27 -27.32
C ILE A 447 5.76 -13.10 -25.86
N ALA A 448 4.86 -13.44 -24.93
CA ALA A 448 5.18 -13.35 -23.52
C ALA A 448 6.27 -14.33 -23.12
N SER A 449 6.25 -15.54 -23.69
CA SER A 449 7.28 -16.52 -23.39
C SER A 449 8.64 -16.07 -23.92
N ARG A 450 8.66 -15.41 -25.08
CA ARG A 450 9.90 -14.86 -25.62
C ARG A 450 10.48 -13.80 -24.70
N ARG A 451 9.65 -12.84 -24.28
CA ARG A 451 10.11 -11.77 -23.41
C ARG A 451 10.57 -12.29 -22.06
N ARG A 452 9.77 -13.16 -21.45
CA ARG A 452 10.07 -13.67 -20.11
C ARG A 452 11.30 -14.55 -20.13
N ASN A 453 11.50 -15.33 -21.19
CA ASN A 453 12.66 -16.21 -21.21
C ASN A 453 13.93 -15.45 -21.50
N PHE A 454 13.89 -14.39 -22.32
CA PHE A 454 15.08 -13.54 -22.44
C PHE A 454 15.43 -12.88 -21.13
N PHE A 455 14.41 -12.37 -20.41
CA PHE A 455 14.70 -11.66 -19.16
C PHE A 455 15.25 -12.59 -18.09
N THR A 456 14.65 -13.76 -17.93
CA THR A 456 15.14 -14.70 -16.93
C THR A 456 16.49 -15.28 -17.34
N ALA A 457 16.78 -15.39 -18.63
CA ALA A 457 18.11 -15.82 -19.05
C ALA A 457 19.15 -14.76 -18.77
N GLU A 458 18.77 -13.50 -18.81
CA GLU A 458 19.75 -12.44 -18.62
C GLU A 458 19.89 -11.96 -17.19
N VAL A 459 18.94 -12.26 -16.31
CA VAL A 459 18.91 -11.67 -14.99
C VAL A 459 19.26 -12.64 -13.86
N SER A 460 19.34 -13.94 -14.14
CA SER A 460 19.41 -14.94 -13.08
C SER A 460 20.74 -14.94 -12.36
N GLN A 461 21.84 -14.90 -13.10
CA GLN A 461 23.15 -15.12 -12.50
C GLN A 461 23.71 -13.88 -11.80
N CYS A 462 22.95 -12.80 -11.69
CA CYS A 462 23.44 -11.57 -11.07
C CYS A 462 23.42 -11.68 -9.55
N ARG A 463 24.10 -10.74 -8.89
CA ARG A 463 24.18 -10.79 -7.43
C ARG A 463 22.89 -10.34 -6.77
N ALA A 464 22.09 -9.53 -7.45
CA ALA A 464 20.84 -9.07 -6.88
C ALA A 464 19.88 -10.22 -6.64
N SER A 465 19.94 -11.26 -7.48
CA SER A 465 19.16 -12.46 -7.23
C SER A 465 19.66 -13.20 -6.01
N GLU A 466 20.98 -13.18 -5.76
CA GLU A 466 21.51 -13.78 -4.54
C GLU A 466 21.04 -13.02 -3.31
N TYR A 467 20.95 -11.70 -3.41
CA TYR A 467 20.46 -10.92 -2.28
C TYR A 467 18.98 -11.17 -2.04
N ILE A 468 18.21 -11.37 -3.12
CA ILE A 468 16.80 -11.73 -3.01
C ILE A 468 16.65 -13.04 -2.27
N MET A 469 17.40 -14.06 -2.68
CA MET A 469 17.27 -15.38 -2.05
C MET A 469 17.74 -15.36 -0.61
N LYS A 470 18.82 -14.64 -0.32
CA LYS A 470 19.31 -14.53 1.04
C LYS A 470 18.32 -13.84 1.95
N ALA A 471 17.68 -12.76 1.47
CA ALA A 471 16.72 -12.05 2.28
C ALA A 471 15.46 -12.86 2.51
N VAL A 472 15.03 -13.62 1.49
CA VAL A 472 13.86 -14.48 1.62
C VAL A 472 14.10 -15.55 2.67
N TYR A 473 15.27 -16.18 2.62
CA TYR A 473 15.58 -17.26 3.57
C TYR A 473 15.72 -16.72 4.99
N ILE A 474 16.37 -15.57 5.16
CA ILE A 474 16.58 -15.01 6.49
C ILE A 474 15.26 -14.59 7.12
N ASN A 475 14.42 -13.87 6.39
CA ASN A 475 13.18 -13.40 6.99
C ASN A 475 12.18 -14.52 7.19
N THR A 476 12.19 -15.54 6.32
CA THR A 476 11.34 -16.70 6.53
C THR A 476 11.73 -17.46 7.78
N ALA A 477 13.04 -17.69 7.98
CA ALA A 477 13.49 -18.37 9.18
C ALA A 477 13.27 -17.55 10.44
N LEU A 478 13.40 -16.22 10.35
CA LEU A 478 13.16 -15.38 11.50
C LEU A 478 11.69 -15.37 11.90
N LEU A 479 10.78 -15.35 10.92
CA LEU A 479 9.37 -15.39 11.26
C LEU A 479 8.95 -16.74 11.79
N ASN A 480 9.53 -17.83 11.27
CA ASN A 480 9.19 -19.15 11.78
C ASN A 480 9.68 -19.35 13.21
N SER A 481 10.91 -18.93 13.51
CA SER A 481 11.39 -19.03 14.88
C SER A 481 10.73 -18.02 15.80
N SER A 482 10.20 -16.92 15.28
CA SER A 482 9.48 -16.00 16.16
C SER A 482 8.10 -16.52 16.50
N CYS A 483 7.38 -17.06 15.54
CA CYS A 483 6.04 -17.53 15.82
C CYS A 483 6.00 -18.94 16.38
N THR A 484 7.10 -19.69 16.34
CA THR A 484 7.11 -21.06 16.86
C THR A 484 7.70 -21.14 18.26
N ALA A 485 8.94 -20.68 18.43
CA ALA A 485 9.62 -20.70 19.73
C ALA A 485 9.89 -19.26 20.14
N MET A 486 8.91 -18.64 20.81
CA MET A 486 9.00 -17.23 21.17
C MET A 486 9.52 -17.01 22.57
N GLU A 487 10.39 -17.90 23.05
CA GLU A 487 10.98 -17.74 24.37
C GLU A 487 12.49 -17.87 24.41
N GLU A 488 13.10 -18.58 23.47
CA GLU A 488 14.49 -18.97 23.59
C GLU A 488 15.37 -18.10 22.71
N TYR A 489 16.67 -18.27 22.90
CA TYR A 489 17.68 -17.62 22.07
C TYR A 489 18.06 -18.60 20.97
N GLN A 490 17.23 -18.65 19.94
CA GLN A 490 17.33 -19.68 18.92
C GLN A 490 18.33 -19.27 17.85
N VAL A 491 19.34 -20.10 17.63
CA VAL A 491 20.34 -19.84 16.61
C VAL A 491 19.74 -20.11 15.24
N ILE A 492 19.83 -19.12 14.36
CA ILE A 492 19.31 -19.22 13.00
C ILE A 492 20.50 -19.10 12.06
N PRO A 493 20.69 -20.02 11.13
CA PRO A 493 21.76 -19.88 10.14
C PRO A 493 21.29 -19.19 8.87
N ILE A 494 22.26 -18.71 8.09
CA ILE A 494 22.01 -17.99 6.86
C ILE A 494 22.44 -18.89 5.71
N ILE A 495 21.47 -19.50 5.03
CA ILE A 495 21.74 -20.47 3.99
C ILE A 495 21.14 -19.96 2.69
N THR A 496 21.87 -20.11 1.59
CA THR A 496 21.28 -20.07 0.26
C THR A 496 21.64 -21.35 -0.47
N LYS A 497 20.77 -21.76 -1.39
CA LYS A 497 20.99 -22.96 -2.18
C LYS A 497 20.95 -22.57 -3.65
N CYS A 498 21.95 -23.00 -4.40
CA CYS A 498 22.04 -22.60 -5.80
C CYS A 498 22.53 -23.78 -6.62
N ARG A 499 22.61 -23.57 -7.92
CA ARG A 499 23.24 -24.49 -8.83
C ARG A 499 24.47 -23.83 -9.42
N ASP A 500 25.35 -24.63 -9.97
CA ASP A 500 26.46 -24.10 -10.73
C ASP A 500 26.02 -23.93 -12.17
N THR A 501 26.96 -23.62 -13.06
CA THR A 501 26.66 -23.67 -14.48
C THR A 501 26.69 -25.09 -15.02
N SER A 502 27.17 -26.06 -14.24
CA SER A 502 27.16 -27.45 -14.63
C SER A 502 25.93 -28.20 -14.14
N GLY A 503 25.14 -27.61 -13.25
CA GLY A 503 23.89 -28.21 -12.82
C GLY A 503 23.93 -28.91 -11.48
N GLN A 504 25.10 -29.10 -10.90
CA GLN A 504 25.21 -29.74 -9.61
C GLN A 504 24.90 -28.74 -8.51
N ARG A 505 24.17 -29.19 -7.50
CA ARG A 505 23.66 -28.32 -6.47
C ARG A 505 24.78 -27.87 -5.54
N ARG A 506 24.50 -26.82 -4.78
CA ARG A 506 25.48 -26.26 -3.87
C ARG A 506 24.74 -25.55 -2.76
N THR A 507 25.22 -25.74 -1.54
CA THR A 507 24.66 -25.08 -0.36
C THR A 507 25.71 -24.12 0.18
N ASN A 508 25.36 -22.84 0.26
CA ASN A 508 26.26 -21.81 0.74
C ASN A 508 25.77 -21.32 2.10
N LEU A 509 26.68 -21.18 3.04
CA LEU A 509 26.38 -20.65 4.37
C LEU A 509 27.13 -19.34 4.54
N TYR A 510 26.45 -18.32 5.06
CA TYR A 510 27.05 -17.00 5.21
C TYR A 510 27.34 -16.61 6.65
N GLY A 511 26.56 -17.08 7.61
CA GLY A 511 26.73 -16.66 8.99
C GLY A 511 25.53 -17.10 9.81
N PHE A 512 25.52 -16.65 11.06
CA PHE A 512 24.50 -17.06 12.01
C PHE A 512 23.75 -15.85 12.53
N ILE A 513 22.54 -16.10 13.02
CA ILE A 513 21.67 -15.09 13.61
C ILE A 513 21.11 -15.66 14.89
N ILE A 514 21.41 -15.03 16.01
CA ILE A 514 20.89 -15.42 17.31
C ILE A 514 19.68 -14.57 17.61
N LYS A 515 18.52 -15.21 17.73
CA LYS A 515 17.28 -14.50 17.99
C LYS A 515 17.19 -14.10 19.45
N GLY A 516 16.24 -13.23 19.76
CA GLY A 516 15.96 -12.86 21.13
C GLY A 516 14.57 -13.29 21.52
N ARG A 517 13.94 -12.58 22.44
CA ARG A 517 12.55 -12.84 22.76
C ARG A 517 11.68 -12.11 21.77
N SER A 518 10.56 -12.73 21.39
CA SER A 518 9.65 -12.12 20.44
C SER A 518 8.22 -12.29 20.93
N HIS A 519 7.76 -11.34 21.75
CA HIS A 519 6.35 -11.23 22.08
C HIS A 519 5.79 -10.09 21.25
N LEU A 520 5.43 -10.41 20.00
CA LEU A 520 4.94 -9.43 19.05
C LEU A 520 3.42 -9.44 19.06
N ARG A 521 2.82 -8.29 19.36
CA ARG A 521 1.37 -8.14 19.24
C ARG A 521 0.96 -7.12 18.20
N ASN A 522 1.73 -6.05 18.03
CA ASN A 522 1.45 -5.07 17.00
C ASN A 522 2.09 -5.51 15.70
N ASP A 523 2.16 -4.58 14.75
CA ASP A 523 2.90 -4.80 13.52
C ASP A 523 4.22 -4.04 13.51
N THR A 524 4.59 -3.39 14.61
CA THR A 524 5.85 -2.66 14.69
C THR A 524 6.67 -3.04 15.90
N ASP A 525 6.26 -4.05 16.67
CA ASP A 525 7.04 -4.47 17.82
C ASP A 525 8.33 -5.13 17.36
N VAL A 526 9.41 -4.83 18.04
CA VAL A 526 10.75 -5.15 17.56
C VAL A 526 11.28 -6.37 18.29
N VAL A 527 11.81 -7.33 17.52
CA VAL A 527 12.61 -8.42 18.04
C VAL A 527 14.06 -8.10 17.74
N ASN A 528 14.91 -8.13 18.77
CA ASN A 528 16.34 -7.95 18.57
C ASN A 528 16.98 -9.25 18.15
N PHE A 529 18.06 -9.16 17.39
CA PHE A 529 18.86 -10.33 17.07
C PHE A 529 20.31 -9.91 16.96
N ILE A 530 21.19 -10.90 16.97
CA ILE A 530 22.61 -10.69 16.84
C ILE A 530 23.06 -11.39 15.58
N SER A 531 23.61 -10.63 14.63
CA SER A 531 24.04 -11.20 13.37
C SER A 531 25.55 -11.30 13.34
N LEU A 532 26.06 -12.50 13.07
CA LEU A 532 27.49 -12.77 12.97
C LEU A 532 27.75 -13.35 11.60
N GLU A 533 28.37 -12.57 10.72
CA GLU A 533 28.58 -12.96 9.34
C GLU A 533 30.07 -13.00 9.01
N PHE A 534 30.51 -14.07 8.36
CA PHE A 534 31.90 -14.17 7.94
C PHE A 534 32.19 -13.18 6.83
N SER A 535 33.45 -12.75 6.75
CA SER A 535 33.85 -11.85 5.67
C SER A 535 35.36 -11.89 5.50
N LEU A 536 35.80 -11.29 4.40
CA LEU A 536 37.22 -11.18 4.09
C LEU A 536 37.66 -9.74 3.88
N THR A 537 36.80 -8.77 4.15
CA THR A 537 37.11 -7.35 3.99
C THR A 537 37.56 -6.79 5.33
N ASP A 538 38.83 -6.42 5.41
CA ASP A 538 39.41 -5.76 6.57
C ASP A 538 38.72 -4.43 6.77
N PRO A 539 37.98 -4.23 7.87
CA PRO A 539 37.16 -3.02 8.02
C PRO A 539 37.96 -1.77 8.30
N ARG A 540 39.28 -1.85 8.46
CA ARG A 540 40.09 -0.70 8.80
C ARG A 540 40.43 0.17 7.60
N ASN A 541 39.92 -0.13 6.41
CA ASN A 541 40.15 0.70 5.24
C ASN A 541 38.97 1.59 4.88
N GLU A 542 37.79 1.31 5.41
CA GLU A 542 36.61 2.14 5.21
C GLU A 542 35.85 2.29 6.52
N ILE A 543 36.56 2.67 7.59
CA ILE A 543 36.06 2.50 8.96
C ILE A 543 34.81 3.33 9.29
N HIS A 544 34.45 4.31 8.47
CA HIS A 544 33.20 5.01 8.67
C HIS A 544 31.99 4.17 8.29
N LYS A 545 32.19 3.12 7.50
CA LYS A 545 31.08 2.29 7.05
C LYS A 545 30.53 1.42 8.18
N TRP A 546 31.37 1.09 9.16
CA TRP A 546 31.01 0.11 10.16
C TRP A 546 30.99 0.70 11.57
N GLU A 547 30.28 1.82 11.76
CA GLU A 547 30.16 2.39 13.10
C GLU A 547 29.34 1.50 14.03
N LYS A 548 28.43 0.70 13.48
CA LYS A 548 27.52 -0.10 14.28
C LYS A 548 28.08 -1.47 14.63
N TYR A 549 29.08 -1.94 13.92
CA TYR A 549 29.51 -3.33 14.02
C TYR A 549 30.57 -3.49 15.10
N CYS A 550 30.98 -4.74 15.30
CA CYS A 550 32.14 -5.06 16.15
C CYS A 550 32.82 -6.25 15.50
N VAL A 551 34.01 -6.03 14.96
CA VAL A 551 34.61 -6.96 14.01
C VAL A 551 35.75 -7.69 14.69
N LEU A 552 35.65 -9.01 14.69
CA LEU A 552 36.67 -9.93 15.20
C LEU A 552 37.53 -10.42 14.06
N GLU A 553 38.59 -11.15 14.41
CA GLU A 553 39.43 -11.84 13.45
C GLU A 553 39.52 -13.29 13.90
N ILE A 554 38.88 -14.18 13.17
CA ILE A 554 38.62 -15.54 13.65
C ILE A 554 39.34 -16.61 12.85
N GLY A 555 39.95 -16.30 11.70
CA GLY A 555 40.58 -17.41 11.02
C GLY A 555 41.58 -16.99 9.97
N ASP A 556 42.10 -18.00 9.26
CA ASP A 556 42.95 -17.79 8.09
C ASP A 556 42.49 -18.73 6.99
N MET A 557 42.55 -18.25 5.74
CA MET A 557 42.06 -19.02 4.61
C MET A 557 43.09 -18.96 3.49
N GLU A 558 43.21 -20.07 2.76
CA GLU A 558 44.18 -20.19 1.68
C GLU A 558 43.50 -19.99 0.34
N ILE A 559 43.98 -19.02 -0.43
CA ILE A 559 43.47 -18.77 -1.77
C ILE A 559 44.51 -19.28 -2.75
N ARG A 560 44.16 -20.33 -3.49
CA ARG A 560 44.99 -20.90 -4.54
C ARG A 560 44.32 -20.58 -5.87
N THR A 561 44.72 -19.48 -6.47
CA THR A 561 44.11 -18.97 -7.70
C THR A 561 45.10 -19.09 -8.85
N SER A 562 44.73 -18.55 -10.01
CA SER A 562 45.50 -18.75 -11.23
C SER A 562 46.83 -17.99 -11.23
N ILE A 563 47.00 -17.01 -10.34
CA ILE A 563 48.23 -16.23 -10.32
C ILE A 563 49.10 -16.69 -9.16
N SER A 564 48.59 -16.57 -7.93
CA SER A 564 49.40 -16.80 -6.74
C SER A 564 48.66 -17.74 -5.79
N THR A 565 49.29 -18.02 -4.65
CA THR A 565 48.78 -18.96 -3.66
C THR A 565 49.07 -18.33 -2.29
N ILE A 566 48.10 -17.62 -1.74
CA ILE A 566 48.33 -16.78 -0.56
C ILE A 566 47.40 -17.16 0.59
N MET A 567 47.53 -16.44 1.70
CA MET A 567 46.68 -16.61 2.87
C MET A 567 46.08 -15.25 3.23
N LYS A 568 44.82 -15.27 3.68
CA LYS A 568 44.14 -14.07 4.11
C LYS A 568 43.42 -14.31 5.43
N PRO A 569 43.39 -13.33 6.32
CA PRO A 569 42.62 -13.49 7.56
C PRO A 569 41.13 -13.39 7.29
N VAL A 570 40.37 -14.25 7.96
CA VAL A 570 38.92 -14.30 7.84
C VAL A 570 38.34 -13.62 9.06
N TYR A 571 37.58 -12.56 8.85
CA TYR A 571 36.97 -11.76 9.89
C TYR A 571 35.52 -12.15 10.11
N LEU A 572 34.96 -11.71 11.23
CA LEU A 572 33.59 -12.00 11.59
C LEU A 572 32.92 -10.71 12.05
N TYR A 573 31.83 -10.35 11.40
CA TYR A 573 31.14 -9.09 11.66
C TYR A 573 29.95 -9.36 12.56
N VAL A 574 29.97 -8.76 13.75
CA VAL A 574 28.98 -9.02 14.80
C VAL A 574 28.25 -7.71 15.08
N ARG A 575 26.92 -7.75 14.98
CA ARG A 575 26.18 -6.56 15.38
C ARG A 575 24.83 -6.94 15.96
N THR A 576 24.26 -5.98 16.69
CA THR A 576 22.97 -6.11 17.36
C THR A 576 21.93 -5.38 16.53
N ASN A 577 21.17 -6.10 15.75
CA ASN A 577 20.18 -5.46 14.91
C ASN A 577 18.80 -5.72 15.50
N GLY A 578 17.79 -5.11 14.90
CA GLY A 578 16.42 -5.38 15.28
C GLY A 578 15.53 -5.36 14.06
N THR A 579 14.40 -6.04 14.18
CA THR A 579 13.44 -6.05 13.08
C THR A 579 12.04 -6.11 13.66
N SER A 580 11.04 -5.91 12.82
CA SER A 580 9.65 -5.93 13.23
C SER A 580 8.90 -6.96 12.40
N LYS A 581 7.61 -7.11 12.66
CA LYS A 581 6.84 -8.10 11.93
C LYS A 581 6.56 -7.66 10.49
N ILE A 582 6.29 -6.37 10.28
CA ILE A 582 6.01 -5.91 8.93
C ILE A 582 7.29 -5.91 8.09
N LYS A 583 8.45 -5.72 8.71
CA LYS A 583 9.69 -5.77 7.95
C LYS A 583 10.05 -7.20 7.59
N MET A 584 9.78 -8.15 8.47
CA MET A 584 9.99 -9.55 8.13
C MET A 584 9.01 -10.02 7.06
N LYS A 585 7.78 -9.50 7.07
CA LYS A 585 6.82 -9.85 6.03
C LYS A 585 7.25 -9.30 4.68
N TRP A 586 7.64 -8.03 4.64
CA TRP A 586 8.06 -7.46 3.37
C TRP A 586 9.43 -7.92 2.92
N GLY A 587 10.23 -8.48 3.82
CA GLY A 587 11.48 -9.09 3.42
C GLY A 587 11.30 -10.52 2.97
N MET A 588 10.18 -11.14 3.37
CA MET A 588 9.83 -12.44 2.80
C MET A 588 9.40 -12.33 1.36
N GLU A 589 9.01 -11.15 0.90
CA GLU A 589 8.48 -10.95 -0.43
C GLU A 589 9.41 -10.05 -1.23
N MET A 590 10.71 -10.33 -1.20
CA MET A 590 11.60 -9.57 -2.07
C MET A 590 11.53 -10.04 -3.51
N ARG A 591 10.88 -11.19 -3.78
CA ARG A 591 10.73 -11.68 -5.14
C ARG A 591 9.90 -10.77 -6.02
N ARG A 592 9.12 -9.85 -5.42
CA ARG A 592 8.42 -8.83 -6.19
C ARG A 592 9.36 -7.97 -7.01
N CYS A 593 10.61 -7.81 -6.55
CA CYS A 593 11.61 -7.12 -7.34
C CYS A 593 11.79 -7.77 -8.70
N LEU A 594 11.85 -9.11 -8.73
CA LEU A 594 11.94 -9.85 -9.99
C LEU A 594 10.72 -9.65 -10.86
N LEU A 595 9.58 -9.34 -10.25
CA LEU A 595 8.43 -8.99 -11.05
C LEU A 595 8.55 -7.58 -11.59
N GLN A 596 8.88 -6.64 -10.71
CA GLN A 596 8.62 -5.23 -11.00
C GLN A 596 9.54 -4.70 -12.07
N SER A 597 10.81 -5.12 -12.04
CA SER A 597 11.77 -4.76 -13.08
C SER A 597 11.33 -5.27 -14.44
N LEU A 598 10.73 -6.46 -14.48
CA LEU A 598 10.16 -6.95 -15.73
C LEU A 598 9.03 -6.05 -16.20
N GLN A 599 8.18 -5.63 -15.26
CA GLN A 599 7.10 -4.71 -15.61
C GLN A 599 7.61 -3.31 -15.89
N GLN A 600 8.90 -3.04 -15.69
CA GLN A 600 9.46 -1.83 -16.28
C GLN A 600 9.87 -2.10 -17.71
N VAL A 601 10.65 -3.16 -17.92
CA VAL A 601 11.31 -3.39 -19.20
C VAL A 601 10.30 -3.71 -20.28
N GLU A 602 9.40 -4.66 -19.98
CA GLU A 602 8.30 -5.00 -20.87
C GLU A 602 7.42 -3.78 -21.17
N SER A 603 7.26 -2.88 -20.18
CA SER A 603 6.44 -1.69 -20.41
C SER A 603 7.06 -0.79 -21.46
N MET A 604 8.40 -0.68 -21.45
CA MET A 604 9.08 0.11 -22.47
C MET A 604 8.89 -0.48 -23.85
N ILE A 605 8.79 -1.81 -23.93
CA ILE A 605 8.50 -2.47 -25.20
C ILE A 605 7.14 -2.05 -25.71
N GLU A 606 6.14 -2.02 -24.82
CA GLU A 606 4.83 -1.55 -25.24
C GLU A 606 4.86 -0.05 -25.54
N ALA A 607 5.74 0.68 -24.87
CA ALA A 607 5.87 2.09 -25.15
C ALA A 607 6.53 2.34 -26.48
N GLU A 608 7.24 1.36 -27.03
CA GLU A 608 7.73 1.50 -28.40
C GLU A 608 6.81 0.83 -29.40
N SER A 609 5.83 0.05 -28.95
CA SER A 609 4.93 -0.60 -29.89
C SER A 609 3.75 0.28 -30.25
N ALA A 610 3.57 1.42 -29.58
CA ALA A 610 2.48 2.32 -29.86
C ALA A 610 2.89 3.51 -30.70
N VAL A 611 4.18 3.69 -30.96
CA VAL A 611 4.65 4.67 -31.92
C VAL A 611 5.24 4.04 -33.16
N LYS A 612 5.35 2.71 -33.20
CA LYS A 612 5.75 2.00 -34.40
C LYS A 612 4.69 1.05 -34.92
N GLU A 613 3.71 0.67 -34.09
CA GLU A 613 2.58 -0.21 -34.46
C GLU A 613 3.04 -1.55 -35.00
N LYS A 614 4.07 -2.12 -34.36
CA LYS A 614 4.51 -3.48 -34.66
C LYS A 614 5.02 -4.12 -33.39
N ASP A 615 5.23 -5.43 -33.47
CA ASP A 615 5.83 -6.19 -32.38
C ASP A 615 7.28 -5.78 -32.24
N MET A 616 7.56 -4.92 -31.27
CA MET A 616 8.93 -4.49 -31.01
C MET A 616 9.64 -5.40 -30.04
N THR A 617 9.24 -6.68 -29.96
CA THR A 617 9.92 -7.60 -29.06
C THR A 617 11.27 -8.00 -29.61
N GLU A 618 11.31 -8.47 -30.86
CA GLU A 618 12.52 -9.03 -31.45
C GLU A 618 13.59 -8.02 -31.86
N PRO A 619 13.27 -6.79 -32.41
CA PRO A 619 14.35 -5.81 -32.55
C PRO A 619 14.58 -4.96 -31.31
N PHE A 620 14.59 -5.60 -30.15
CA PHE A 620 14.83 -4.96 -28.87
C PHE A 620 15.68 -5.81 -27.95
N PHE A 621 15.67 -7.12 -28.12
CA PHE A 621 16.53 -8.04 -27.40
C PHE A 621 17.63 -8.61 -28.27
N ARG A 622 17.50 -8.52 -29.59
CA ARG A 622 18.59 -8.84 -30.51
C ARG A 622 19.24 -7.55 -30.97
N ASN A 623 19.93 -6.91 -30.02
CA ASN A 623 20.63 -5.65 -30.24
C ASN A 623 22.01 -5.77 -29.59
N ARG A 624 22.78 -6.78 -30.02
CA ARG A 624 24.09 -7.08 -29.44
C ARG A 624 25.05 -5.95 -29.79
N GLU A 625 24.97 -4.88 -28.99
CA GLU A 625 25.59 -3.59 -29.25
C GLU A 625 25.44 -2.73 -28.01
N ASN A 626 26.47 -1.93 -27.70
CA ASN A 626 26.40 -1.03 -26.57
C ASN A 626 25.53 0.18 -26.89
N ASP A 627 24.23 0.09 -26.64
CA ASP A 627 23.30 1.14 -27.01
C ASP A 627 22.85 2.00 -25.83
N TRP A 628 22.51 1.40 -24.71
CA TRP A 628 21.85 2.16 -23.64
C TRP A 628 22.88 2.82 -22.74
N PRO A 629 22.74 4.11 -22.40
CA PRO A 629 23.63 4.68 -21.40
C PRO A 629 23.25 4.18 -20.02
N ILE A 630 24.25 3.75 -19.24
CA ILE A 630 23.92 3.26 -17.91
C ILE A 630 24.84 3.80 -16.85
N GLY A 631 25.95 4.42 -17.24
CA GLY A 631 26.97 4.75 -16.28
C GLY A 631 27.63 6.07 -16.56
N GLU A 632 28.50 6.47 -15.64
CA GLU A 632 29.33 7.65 -15.82
C GLU A 632 30.73 7.33 -15.30
N SER A 633 31.67 7.16 -16.21
CA SER A 633 33.07 6.97 -15.91
C SER A 633 33.80 8.30 -15.98
N PRO A 634 35.05 8.37 -15.52
CA PRO A 634 35.85 9.59 -15.74
C PRO A 634 36.21 9.86 -17.20
N GLN A 635 35.88 8.99 -18.14
CA GLN A 635 36.02 9.28 -19.56
C GLN A 635 34.76 9.91 -20.16
N GLY A 636 33.61 9.73 -19.52
CA GLY A 636 32.36 10.22 -20.03
C GLY A 636 31.25 9.25 -19.69
N ILE A 637 30.14 9.35 -20.40
CA ILE A 637 28.98 8.50 -20.18
C ILE A 637 29.20 7.18 -20.91
N GLU A 638 29.02 6.07 -20.19
CA GLU A 638 29.26 4.74 -20.74
C GLU A 638 27.95 4.07 -21.09
N LYS A 639 28.00 3.26 -22.15
CA LYS A 639 26.83 2.56 -22.65
C LYS A 639 27.05 1.06 -22.54
N GLY A 640 25.98 0.35 -22.18
CA GLY A 640 25.96 -1.09 -22.16
C GLY A 640 24.78 -1.61 -22.97
N THR A 641 24.65 -2.93 -22.95
CA THR A 641 23.60 -3.59 -23.72
C THR A 641 22.30 -3.60 -22.94
N ILE A 642 21.30 -4.30 -23.47
CA ILE A 642 20.00 -4.34 -22.83
C ILE A 642 20.02 -5.26 -21.62
N GLY A 643 20.89 -6.26 -21.62
CA GLY A 643 21.01 -7.13 -20.46
C GLY A 643 21.59 -6.43 -19.25
N LYS A 644 22.52 -5.51 -19.48
CA LYS A 644 23.02 -4.69 -18.39
C LYS A 644 21.93 -3.81 -17.82
N VAL A 645 21.01 -3.34 -18.67
CA VAL A 645 19.87 -2.55 -18.19
C VAL A 645 18.94 -3.42 -17.35
N CYS A 646 18.74 -4.68 -17.75
CA CYS A 646 17.88 -5.56 -16.97
C CYS A 646 18.48 -5.87 -15.60
N ARG A 647 19.78 -6.12 -15.56
CA ARG A 647 20.44 -6.35 -14.27
C ARG A 647 20.47 -5.09 -13.42
N VAL A 648 20.61 -3.92 -14.04
CA VAL A 648 20.64 -2.68 -13.27
C VAL A 648 19.28 -2.35 -12.70
N LEU A 649 18.21 -2.58 -13.46
CA LEU A 649 16.87 -2.32 -12.94
C LEU A 649 16.48 -3.31 -11.86
N LEU A 650 16.94 -4.56 -11.96
CA LEU A 650 16.73 -5.50 -10.86
C LEU A 650 17.51 -5.09 -9.62
N ALA A 651 18.75 -4.61 -9.78
CA ALA A 651 19.52 -4.12 -8.64
C ALA A 651 18.90 -2.88 -8.02
N LYS A 652 18.26 -2.05 -8.83
CA LYS A 652 17.58 -0.87 -8.31
C LYS A 652 16.36 -1.26 -7.50
N SER A 653 15.60 -2.26 -7.96
CA SER A 653 14.44 -2.68 -7.17
C SER A 653 14.86 -3.39 -5.89
N VAL A 654 15.95 -4.16 -5.93
CA VAL A 654 16.45 -4.83 -4.73
C VAL A 654 16.92 -3.80 -3.71
N PHE A 655 17.70 -2.82 -4.14
CA PHE A 655 18.17 -1.81 -3.20
C PHE A 655 17.07 -0.84 -2.80
N ASN A 656 15.99 -0.75 -3.56
CA ASN A 656 14.82 -0.03 -3.07
C ASN A 656 14.08 -0.85 -2.03
N SER A 657 14.23 -2.16 -2.04
CA SER A 657 13.58 -2.98 -1.02
C SER A 657 14.42 -3.22 0.21
N ILE A 658 15.74 -3.11 0.12
CA ILE A 658 16.59 -3.32 1.29
C ILE A 658 16.66 -2.06 2.13
N TYR A 659 16.91 -0.93 1.49
CA TYR A 659 17.07 0.35 2.15
C TYR A 659 15.80 1.18 2.11
N ALA A 660 14.63 0.56 2.20
CA ALA A 660 13.37 1.28 2.08
C ALA A 660 13.05 2.04 3.35
N SER A 661 12.71 3.32 3.20
CA SER A 661 12.32 4.16 4.32
C SER A 661 11.40 5.25 3.80
N ALA A 662 11.00 6.15 4.69
CA ALA A 662 10.05 7.19 4.32
C ALA A 662 10.70 8.28 3.50
N GLN A 663 11.99 8.53 3.72
CA GLN A 663 12.70 9.55 2.98
C GLN A 663 12.81 9.20 1.51
N LEU A 664 12.90 7.91 1.19
CA LEU A 664 12.89 7.49 -0.21
C LEU A 664 11.55 7.75 -0.87
N GLU A 665 10.46 7.53 -0.13
CA GLU A 665 9.13 7.80 -0.67
C GLU A 665 8.94 9.28 -0.95
N GLY A 666 9.34 10.12 0.00
CA GLY A 666 9.23 11.56 -0.19
C GLY A 666 10.10 12.07 -1.33
N PHE A 667 11.32 11.56 -1.43
CA PHE A 667 12.24 12.02 -2.46
C PHE A 667 11.78 11.60 -3.86
N SER A 668 11.35 10.35 -4.03
CA SER A 668 10.90 9.89 -5.34
C SER A 668 9.62 10.60 -5.76
N ALA A 669 8.66 10.69 -4.83
CA ALA A 669 7.39 11.33 -5.13
C ALA A 669 7.53 12.82 -5.40
N GLU A 670 8.57 13.46 -4.89
CA GLU A 670 8.72 14.88 -5.18
C GLU A 670 9.71 15.17 -6.30
N SER A 671 10.56 14.22 -6.70
CA SER A 671 11.47 14.46 -7.82
C SER A 671 10.90 13.99 -9.15
N ARG A 672 9.82 13.22 -9.13
CA ARG A 672 9.17 12.83 -10.38
C ARG A 672 8.67 14.03 -11.17
N LYS A 673 8.28 15.11 -10.49
CA LYS A 673 7.83 16.29 -11.21
C LYS A 673 8.99 17.03 -11.88
N LEU A 674 10.18 17.00 -11.29
CA LEU A 674 11.33 17.59 -11.97
C LEU A 674 11.72 16.79 -13.19
N LEU A 675 11.62 15.46 -13.11
CA LEU A 675 11.86 14.63 -14.28
C LEU A 675 10.85 14.92 -15.39
N LEU A 676 9.57 15.06 -15.02
CA LEU A 676 8.55 15.31 -16.04
C LEU A 676 8.64 16.72 -16.61
N LEU A 677 9.10 17.68 -15.81
CA LEU A 677 9.31 19.03 -16.32
C LEU A 677 10.46 19.07 -17.32
N ILE A 678 11.56 18.35 -17.04
CA ILE A 678 12.66 18.29 -17.99
C ILE A 678 12.24 17.58 -19.27
N GLN A 679 11.44 16.51 -19.15
CA GLN A 679 10.92 15.83 -20.33
C GLN A 679 10.00 16.74 -21.14
N ALA A 680 9.20 17.57 -20.46
CA ALA A 680 8.36 18.51 -21.17
C ALA A 680 9.17 19.61 -21.83
N PHE A 681 10.34 19.93 -21.28
CA PHE A 681 11.20 20.89 -21.96
C PHE A 681 11.78 20.29 -23.23
N ARG A 682 12.23 19.04 -23.17
CA ARG A 682 12.96 18.48 -24.29
C ARG A 682 12.08 18.08 -25.48
N ASP A 683 10.76 18.09 -25.32
CA ASP A 683 9.85 17.83 -26.44
C ASP A 683 9.35 19.10 -27.09
N ASN A 684 9.98 20.24 -26.78
CA ASN A 684 9.56 21.58 -27.22
C ASN A 684 8.10 21.85 -26.87
N LEU A 685 7.75 21.60 -25.61
CA LEU A 685 6.40 21.84 -25.13
C LEU A 685 6.30 23.06 -24.22
N ASP A 686 7.40 23.78 -24.01
CA ASP A 686 7.49 25.05 -23.27
C ASP A 686 6.90 24.96 -21.87
N PRO A 687 7.57 24.32 -20.92
CA PRO A 687 7.00 24.19 -19.59
C PRO A 687 7.16 25.47 -18.79
N GLY A 688 6.58 25.45 -17.60
CA GLY A 688 6.64 26.59 -16.70
C GLY A 688 6.00 26.23 -15.38
N THR A 689 6.48 26.79 -14.29
CA THR A 689 5.95 26.46 -12.98
C THR A 689 5.46 27.71 -12.29
N PHE A 690 4.87 27.52 -11.13
CA PHE A 690 4.32 28.60 -10.33
C PHE A 690 5.15 28.93 -9.10
N ASP A 691 5.72 27.92 -8.45
CA ASP A 691 6.60 28.13 -7.30
C ASP A 691 7.62 27.00 -7.31
N LEU A 692 8.78 27.26 -7.92
CA LEU A 692 9.78 26.21 -8.06
C LEU A 692 10.64 26.06 -6.81
N LYS A 693 10.80 27.14 -6.03
CA LYS A 693 11.56 27.06 -4.80
C LYS A 693 10.88 26.16 -3.78
N GLY A 694 9.55 26.18 -3.75
CA GLY A 694 8.82 25.26 -2.90
C GLY A 694 8.97 23.82 -3.31
N LEU A 695 9.07 23.56 -4.62
CA LEU A 695 9.31 22.20 -5.10
C LEU A 695 10.70 21.72 -4.74
N TYR A 696 11.69 22.62 -4.85
CA TYR A 696 13.04 22.29 -4.42
C TYR A 696 13.13 22.02 -2.93
N GLU A 697 12.42 22.82 -2.12
CA GLU A 697 12.44 22.59 -0.68
C GLU A 697 11.70 21.33 -0.29
N ALA A 698 10.62 20.99 -1.02
CA ALA A 698 9.89 19.78 -0.74
C ALA A 698 10.68 18.54 -1.10
N ILE A 699 11.55 18.61 -2.12
CA ILE A 699 12.48 17.51 -2.33
C ILE A 699 13.53 17.48 -1.24
N GLU A 700 14.19 18.61 -1.00
CA GLU A 700 15.38 18.67 -0.16
C GLU A 700 15.11 18.46 1.32
N GLU A 701 13.86 18.56 1.77
CA GLU A 701 13.60 18.22 3.16
C GLU A 701 13.61 16.72 3.41
N CYS A 702 13.51 15.92 2.36
CA CYS A 702 13.42 14.46 2.45
C CYS A 702 14.77 13.78 2.26
N ILE A 703 15.86 14.50 2.45
CA ILE A 703 17.20 13.96 2.34
C ILE A 703 17.85 14.21 3.70
N ILE A 704 17.88 13.19 4.56
CA ILE A 704 18.43 13.42 5.89
C ILE A 704 19.63 12.52 6.16
N ASN A 705 19.42 11.22 6.26
CA ASN A 705 20.55 10.36 6.59
C ASN A 705 20.54 8.98 5.96
N ASP A 706 19.59 8.64 5.11
CA ASP A 706 19.58 7.32 4.50
C ASP A 706 20.59 7.28 3.36
N PRO A 707 21.43 6.25 3.27
CA PRO A 707 22.45 6.22 2.21
C PRO A 707 21.86 6.08 0.82
N TRP A 708 20.76 5.35 0.69
CA TRP A 708 20.15 5.18 -0.62
C TRP A 708 19.50 6.46 -1.12
N VAL A 709 18.95 7.27 -0.22
CA VAL A 709 18.35 8.54 -0.62
C VAL A 709 19.43 9.54 -1.00
N LEU A 710 20.54 9.57 -0.26
CA LEU A 710 21.65 10.43 -0.60
C LEU A 710 22.27 10.06 -1.94
N LEU A 711 22.41 8.75 -2.19
CA LEU A 711 22.93 8.31 -3.48
C LEU A 711 21.97 8.62 -4.61
N ASN A 712 20.66 8.50 -4.38
CA ASN A 712 19.69 8.81 -5.42
C ASN A 712 19.65 10.30 -5.74
N ALA A 713 19.86 11.15 -4.73
CA ALA A 713 19.94 12.58 -5.02
C ALA A 713 21.21 12.91 -5.79
N SER A 714 22.30 12.20 -5.50
CA SER A 714 23.52 12.37 -6.29
C SER A 714 23.32 11.91 -7.73
N TRP A 715 22.54 10.85 -7.92
CA TRP A 715 22.24 10.37 -9.27
C TRP A 715 21.38 11.37 -10.02
N PHE A 716 20.44 12.02 -9.33
CA PHE A 716 19.65 13.04 -10.02
C PHE A 716 20.49 14.26 -10.36
N ASN A 717 21.45 14.63 -9.50
CA ASN A 717 22.34 15.74 -9.83
C ASN A 717 23.20 15.42 -11.04
N SER A 718 23.69 14.19 -11.14
CA SER A 718 24.47 13.80 -12.31
C SER A 718 23.61 13.73 -13.57
N PHE A 719 22.35 13.32 -13.44
CA PHE A 719 21.46 13.32 -14.60
C PHE A 719 21.16 14.74 -15.07
N LEU A 720 20.98 15.66 -14.13
CA LEU A 720 20.69 17.04 -14.49
C LEU A 720 21.90 17.69 -15.15
N LYS A 721 23.10 17.40 -14.66
CA LYS A 721 24.29 17.91 -15.33
C LYS A 721 24.48 17.29 -16.70
N ALA A 722 24.09 16.02 -16.86
CA ALA A 722 24.19 15.39 -18.18
C ALA A 722 23.23 16.01 -19.18
N VAL A 723 21.99 16.28 -18.78
CA VAL A 723 21.06 16.91 -19.72
C VAL A 723 21.32 18.40 -19.90
N GLN A 724 22.05 19.03 -18.97
CA GLN A 724 22.57 20.36 -19.26
C GLN A 724 23.62 20.28 -20.36
N LEU A 725 24.55 19.33 -20.22
CA LEU A 725 25.64 19.20 -21.17
C LEU A 725 25.19 18.64 -22.51
N SER A 726 23.99 18.07 -22.59
CA SER A 726 23.48 17.60 -23.88
C SER A 726 23.19 18.77 -24.82
N MET A 727 22.47 19.78 -24.34
CA MET A 727 22.09 20.92 -25.15
C MET A 727 23.07 22.08 -25.01
N GLY A 728 24.34 21.79 -24.74
CA GLY A 728 25.35 22.83 -24.67
C GLY A 728 25.35 23.58 -23.35
N MET B 10 33.87 2.58 -14.06
CA MET B 10 32.49 2.95 -14.33
C MET B 10 31.71 3.00 -13.03
N ASP B 11 30.85 4.01 -12.90
CA ASP B 11 29.90 4.10 -11.80
C ASP B 11 28.50 4.05 -12.38
N VAL B 12 27.70 3.10 -11.90
CA VAL B 12 26.41 2.80 -12.50
C VAL B 12 25.36 3.80 -12.01
N ASN B 13 24.53 4.28 -12.94
CA ASN B 13 23.48 5.27 -12.69
C ASN B 13 22.26 4.94 -13.52
N PRO B 14 21.16 4.48 -12.92
CA PRO B 14 19.98 4.11 -13.73
C PRO B 14 19.20 5.29 -14.28
N MET B 15 19.28 6.48 -13.67
CA MET B 15 18.54 7.61 -14.20
C MET B 15 19.08 8.09 -15.53
N LEU B 16 20.32 7.73 -15.87
CA LEU B 16 20.86 7.98 -17.20
C LEU B 16 20.14 7.20 -18.29
N ILE B 17 19.35 6.18 -17.92
CA ILE B 17 18.40 5.54 -18.84
C ILE B 17 17.49 6.56 -19.50
N PHE B 18 17.15 7.64 -18.80
CA PHE B 18 16.31 8.67 -19.38
C PHE B 18 16.99 9.52 -20.44
N LEU B 19 18.26 9.27 -20.77
CA LEU B 19 18.86 9.97 -21.89
C LEU B 19 18.44 9.39 -23.23
N LYS B 20 17.98 8.15 -23.27
CA LYS B 20 17.65 7.48 -24.52
C LYS B 20 16.15 7.41 -24.76
N VAL B 21 15.37 6.99 -23.77
CA VAL B 21 13.91 6.93 -23.87
C VAL B 21 13.33 8.22 -23.30
N PRO B 22 12.07 8.55 -23.56
CA PRO B 22 11.42 9.62 -22.81
C PRO B 22 11.18 9.21 -21.37
N VAL B 23 10.89 10.19 -20.53
CA VAL B 23 10.66 9.89 -19.12
C VAL B 23 9.31 9.20 -18.94
N GLN B 24 8.36 9.47 -19.85
CA GLN B 24 7.03 8.87 -19.71
C GLN B 24 7.02 7.38 -19.95
N ASN B 25 7.99 6.87 -20.70
CA ASN B 25 8.02 5.42 -20.96
C ASN B 25 8.52 4.66 -19.75
N ALA B 26 9.65 5.06 -19.21
CA ALA B 26 10.27 4.38 -18.07
C ALA B 26 10.01 5.12 -16.77
N ILE B 27 8.79 5.66 -16.60
CA ILE B 27 8.45 6.34 -15.37
C ILE B 27 8.22 5.34 -14.24
N SER B 28 7.99 4.07 -14.58
CA SER B 28 7.80 3.02 -13.58
C SER B 28 9.04 2.72 -12.76
N THR B 29 10.20 3.23 -13.16
CA THR B 29 11.39 3.09 -12.33
C THR B 29 11.43 4.10 -11.20
N THR B 30 10.60 5.15 -11.24
CA THR B 30 10.57 6.13 -10.16
C THR B 30 9.46 5.84 -9.17
N PHE B 31 9.03 4.58 -9.06
CA PHE B 31 8.02 4.17 -8.09
C PHE B 31 8.63 3.12 -7.19
N PRO B 32 9.14 3.48 -6.02
CA PRO B 32 9.76 2.49 -5.12
C PRO B 32 8.75 1.73 -4.27
N TYR B 33 8.05 0.79 -4.89
CA TYR B 33 6.95 0.08 -4.25
C TYR B 33 7.28 -1.39 -4.02
N THR B 34 8.50 -1.70 -3.57
CA THR B 34 8.87 -3.06 -3.24
C THR B 34 9.43 -3.23 -1.83
N GLY B 35 9.62 -2.13 -1.09
CA GLY B 35 9.96 -2.21 0.32
C GLY B 35 8.73 -1.95 1.18
N ASP B 36 8.93 -2.03 2.48
CA ASP B 36 7.81 -1.84 3.39
C ASP B 36 7.43 -0.37 3.45
N PRO B 37 6.14 -0.04 3.34
CA PRO B 37 5.72 1.34 3.44
C PRO B 37 5.80 1.81 4.89
N PRO B 38 5.90 3.12 5.13
CA PRO B 38 6.16 3.59 6.50
C PRO B 38 4.94 3.46 7.39
N TYR B 39 5.19 3.06 8.64
CA TYR B 39 4.17 2.96 9.66
C TYR B 39 4.46 3.96 10.77
N SER B 40 3.47 4.16 11.64
CA SER B 40 3.56 5.11 12.74
C SER B 40 3.52 4.35 14.05
N HIS B 41 4.60 4.48 14.83
CA HIS B 41 4.68 3.83 16.14
C HIS B 41 4.18 4.81 17.19
N GLY B 42 3.08 4.48 17.84
CA GLY B 42 2.63 5.29 18.95
C GLY B 42 1.28 5.92 18.74
N THR B 43 1.06 7.05 19.40
CA THR B 43 -0.24 7.69 19.41
C THR B 43 -0.43 8.60 18.21
N GLY B 44 -1.69 8.83 17.88
CA GLY B 44 -2.02 9.77 16.83
C GLY B 44 -2.50 11.08 17.42
N THR B 45 -2.15 11.35 18.68
CA THR B 45 -2.62 12.56 19.33
C THR B 45 -1.92 13.79 18.78
N GLY B 46 -0.61 13.71 18.54
CA GLY B 46 0.11 14.82 17.96
C GLY B 46 -0.38 15.17 16.57
N TYR B 47 -0.72 14.17 15.77
CA TYR B 47 -1.20 14.42 14.42
C TYR B 47 -2.63 14.98 14.43
N THR B 48 -3.48 14.50 15.34
CA THR B 48 -4.86 14.99 15.37
C THR B 48 -4.91 16.40 15.92
N MET B 49 -4.11 16.70 16.93
CA MET B 49 -4.03 18.08 17.40
C MET B 49 -3.41 18.98 16.35
N ASP B 50 -2.47 18.47 15.53
CA ASP B 50 -1.96 19.26 14.43
C ASP B 50 -3.03 19.54 13.38
N THR B 51 -3.90 18.56 13.13
CA THR B 51 -5.00 18.76 12.18
C THR B 51 -5.97 19.83 12.69
N VAL B 52 -6.30 19.79 13.98
CA VAL B 52 -7.23 20.76 14.54
C VAL B 52 -6.64 22.16 14.54
N ILE B 53 -5.37 22.30 14.93
CA ILE B 53 -4.73 23.60 14.97
C ILE B 53 -4.53 24.16 13.57
N ARG B 54 -4.18 23.30 12.61
CA ARG B 54 -4.02 23.79 11.24
C ARG B 54 -5.35 24.13 10.59
N THR B 55 -6.43 23.48 11.01
CA THR B 55 -7.74 23.81 10.45
C THR B 55 -8.24 25.14 11.00
N HIS B 56 -8.06 25.39 12.29
CA HIS B 56 -8.52 26.65 12.84
C HIS B 56 -7.56 27.81 12.61
N ASP B 57 -6.45 27.59 11.91
CA ASP B 57 -5.56 28.68 11.56
C ASP B 57 -5.71 29.16 10.13
N TYR B 58 -6.50 28.46 9.32
CA TYR B 58 -6.83 28.91 7.97
C TYR B 58 -8.14 29.67 7.93
N SER B 59 -9.06 29.36 8.83
CA SER B 59 -10.35 30.03 8.93
C SER B 59 -10.38 31.01 10.09
N SER B 60 -9.27 31.71 10.32
CA SER B 60 -9.10 32.45 11.57
C SER B 60 -9.99 33.68 11.64
N ARG B 61 -10.40 34.24 10.51
CA ARG B 61 -11.20 35.45 10.50
C ARG B 61 -12.69 35.17 10.39
N GLY B 62 -13.14 34.05 10.93
CA GLY B 62 -14.57 33.74 10.96
C GLY B 62 -15.27 34.43 12.09
N ILE B 63 -16.28 33.77 12.65
CA ILE B 63 -17.04 34.27 13.78
C ILE B 63 -17.19 33.13 14.78
N TRP B 64 -16.72 33.33 16.00
CA TRP B 64 -16.84 32.33 17.06
C TRP B 64 -18.19 32.43 17.73
N LYS B 65 -18.96 31.35 17.67
CA LYS B 65 -20.25 31.28 18.33
C LYS B 65 -20.29 30.04 19.20
N THR B 66 -20.69 30.23 20.45
CA THR B 66 -20.85 29.11 21.37
C THR B 66 -22.07 28.32 20.96
N ASN B 67 -21.91 27.02 20.73
CA ASN B 67 -23.05 26.19 20.35
C ASN B 67 -23.96 26.00 21.56
N SER B 68 -25.26 26.05 21.31
CA SER B 68 -26.21 25.98 22.42
C SER B 68 -26.29 24.58 23.01
N GLU B 69 -26.44 23.57 22.16
CA GLU B 69 -26.65 22.21 22.63
C GLU B 69 -25.35 21.56 23.12
N THR B 70 -24.37 21.41 22.24
CA THR B 70 -23.15 20.71 22.61
C THR B 70 -22.25 21.53 23.51
N GLY B 71 -22.42 22.85 23.52
CA GLY B 71 -21.60 23.71 24.35
C GLY B 71 -20.22 24.01 23.80
N ALA B 72 -19.86 23.45 22.65
CA ALA B 72 -18.52 23.58 22.11
C ALA B 72 -18.39 24.87 21.32
N GLN B 73 -17.17 25.37 21.25
CA GLN B 73 -16.89 26.60 20.51
C GLN B 73 -16.76 26.28 19.03
N GLN B 74 -17.68 26.80 18.22
CA GLN B 74 -17.68 26.56 16.79
C GLN B 74 -17.17 27.79 16.06
N LEU B 75 -16.85 27.60 14.78
CA LEU B 75 -16.25 28.63 13.95
C LEU B 75 -16.86 28.60 12.57
N ASN B 76 -17.23 29.78 12.06
CA ASN B 76 -18.01 29.89 10.83
C ASN B 76 -17.21 30.67 9.80
N PRO B 77 -16.50 30.03 8.90
CA PRO B 77 -15.62 30.75 7.99
C PRO B 77 -16.31 31.38 6.80
N ILE B 78 -17.42 30.81 6.33
CA ILE B 78 -17.97 31.22 5.05
C ILE B 78 -18.67 32.57 5.19
N ASP B 79 -18.91 33.20 4.03
CA ASP B 79 -19.35 34.60 3.91
C ASP B 79 -18.41 35.56 4.63
N GLY B 80 -17.13 35.21 4.69
CA GLY B 80 -16.19 35.98 5.46
C GLY B 80 -15.37 36.87 4.57
N PRO B 81 -14.29 37.42 5.10
CA PRO B 81 -13.46 38.34 4.33
C PRO B 81 -12.68 37.61 3.25
N LEU B 82 -12.56 38.28 2.10
CA LEU B 82 -11.88 37.71 0.96
C LEU B 82 -10.39 37.58 1.23
N PRO B 83 -9.74 36.54 0.71
CA PRO B 83 -8.32 36.34 0.99
C PRO B 83 -7.45 37.33 0.23
N GLU B 84 -6.24 37.54 0.76
CA GLU B 84 -5.32 38.53 0.23
C GLU B 84 -3.90 38.01 0.20
N ASP B 85 -3.72 36.70 0.00
CA ASP B 85 -2.39 36.13 -0.17
C ASP B 85 -2.53 34.88 -1.02
N ASN B 86 -1.50 34.04 -1.02
CA ASN B 86 -1.57 32.75 -1.65
C ASN B 86 -1.54 31.60 -0.65
N GLU B 87 -1.62 31.90 0.64
CA GLU B 87 -1.79 30.86 1.63
C GLU B 87 -3.21 30.30 1.54
N PRO B 88 -3.41 29.04 1.93
CA PRO B 88 -4.75 28.46 1.85
C PRO B 88 -5.72 29.12 2.82
N SER B 89 -6.93 29.36 2.33
CA SER B 89 -7.98 29.98 3.12
C SER B 89 -9.28 29.21 2.93
N GLY B 90 -10.16 29.30 3.92
CA GLY B 90 -11.44 28.63 3.88
C GLY B 90 -12.63 29.50 3.59
N TYR B 91 -12.44 30.80 3.35
CA TYR B 91 -13.53 31.75 3.23
C TYR B 91 -14.21 31.61 1.88
N ALA B 92 -15.23 30.76 1.83
CA ALA B 92 -15.96 30.48 0.61
C ALA B 92 -17.24 31.31 0.59
N GLN B 93 -17.33 32.23 -0.36
CA GLN B 93 -18.56 33.01 -0.50
C GLN B 93 -19.66 32.10 -1.02
N THR B 94 -20.84 32.17 -0.39
CA THR B 94 -21.86 31.16 -0.67
C THR B 94 -22.72 31.51 -1.87
N ASP B 95 -22.83 32.78 -2.25
CA ASP B 95 -23.53 33.11 -3.49
C ASP B 95 -22.78 32.59 -4.70
N CYS B 96 -21.45 32.57 -4.65
CA CYS B 96 -20.66 31.97 -5.73
C CYS B 96 -20.90 30.48 -5.83
N VAL B 97 -21.07 29.80 -4.68
CA VAL B 97 -21.34 28.36 -4.69
C VAL B 97 -22.71 28.07 -5.30
N LEU B 98 -23.71 28.84 -4.89
CA LEU B 98 -25.05 28.67 -5.46
C LEU B 98 -25.07 29.05 -6.94
N GLU B 99 -24.24 29.99 -7.35
CA GLU B 99 -24.16 30.37 -8.76
C GLU B 99 -23.53 29.27 -9.60
N LEU B 100 -22.48 28.64 -9.09
CA LEU B 100 -21.85 27.57 -9.85
C LEU B 100 -22.75 26.34 -9.93
N ILE B 101 -23.51 26.06 -8.87
CA ILE B 101 -24.44 24.94 -8.96
C ILE B 101 -25.59 25.26 -9.91
N GLU B 102 -26.02 26.53 -9.98
CA GLU B 102 -27.07 26.89 -10.94
C GLU B 102 -26.56 26.81 -12.37
N GLY B 103 -25.31 27.20 -12.61
CA GLY B 103 -24.74 27.07 -13.94
C GLY B 103 -24.54 25.63 -14.36
N LEU B 104 -24.17 24.76 -13.41
CA LEU B 104 -24.09 23.33 -13.69
C LEU B 104 -25.46 22.75 -13.96
N ASP B 105 -26.51 23.27 -13.31
CA ASP B 105 -27.87 22.86 -13.62
C ASP B 105 -28.29 23.34 -15.01
N ARG B 106 -27.83 24.53 -15.41
CA ARG B 106 -28.18 25.06 -16.72
C ARG B 106 -27.51 24.28 -17.85
N SER B 107 -26.24 23.90 -17.66
CA SER B 107 -25.54 23.20 -18.73
C SER B 107 -26.04 21.79 -18.92
N HIS B 108 -26.55 21.16 -17.86
CA HIS B 108 -27.09 19.81 -17.95
C HIS B 108 -28.57 19.82 -17.60
N PRO B 109 -29.46 19.89 -18.57
CA PRO B 109 -30.89 19.84 -18.25
C PRO B 109 -31.33 18.45 -17.86
N GLY B 110 -32.15 18.39 -16.82
CA GLY B 110 -32.67 17.13 -16.34
C GLY B 110 -31.70 16.29 -15.52
N LEU B 111 -30.52 16.82 -15.20
CA LEU B 111 -29.54 16.02 -14.47
C LEU B 111 -29.93 15.88 -13.01
N PHE B 112 -30.17 17.02 -12.33
CA PHE B 112 -30.45 17.00 -10.91
C PHE B 112 -31.78 16.33 -10.61
N GLU B 113 -32.77 16.50 -11.49
CA GLU B 113 -34.06 15.86 -11.29
C GLU B 113 -33.96 14.34 -11.46
N THR B 114 -33.18 13.87 -12.42
CA THR B 114 -33.07 12.42 -12.62
C THR B 114 -32.27 11.77 -11.51
N ALA B 115 -31.21 12.44 -11.04
CA ALA B 115 -30.46 11.93 -9.91
C ALA B 115 -31.30 11.90 -8.63
N CYS B 116 -32.07 12.96 -8.37
CA CYS B 116 -32.92 12.98 -7.20
C CYS B 116 -34.07 12.00 -7.30
N GLN B 117 -34.60 11.78 -8.51
CA GLN B 117 -35.68 10.81 -8.69
C GLN B 117 -35.18 9.39 -8.44
N GLU B 118 -33.99 9.05 -8.93
CA GLU B 118 -33.46 7.72 -8.67
C GLU B 118 -33.00 7.57 -7.23
N THR B 119 -32.61 8.65 -6.55
CA THR B 119 -32.30 8.54 -5.14
C THR B 119 -33.55 8.32 -4.29
N ILE B 120 -34.67 8.98 -4.64
CA ILE B 120 -35.92 8.73 -3.93
C ILE B 120 -36.42 7.32 -4.23
N ASP B 121 -36.18 6.82 -5.45
CA ASP B 121 -36.49 5.42 -5.74
C ASP B 121 -35.63 4.46 -4.92
N ALA B 122 -34.39 4.84 -4.63
CA ALA B 122 -33.49 3.99 -3.87
C ALA B 122 -33.62 4.15 -2.37
N ILE B 123 -34.35 5.15 -1.88
CA ILE B 123 -34.46 5.36 -0.44
C ILE B 123 -35.47 4.41 0.18
N GLN B 124 -36.62 4.21 -0.47
CA GLN B 124 -37.69 3.43 0.12
C GLN B 124 -37.55 1.93 -0.11
N GLN B 125 -36.43 1.46 -0.64
CA GLN B 125 -36.15 0.04 -0.73
C GLN B 125 -34.71 -0.23 -0.35
N THR B 126 -34.29 0.30 0.79
CA THR B 126 -32.97 0.01 1.36
C THR B 126 -33.15 -0.56 2.75
N ARG B 127 -32.56 -1.72 2.99
CA ARG B 127 -32.64 -2.37 4.29
C ARG B 127 -31.50 -1.91 5.19
N VAL B 128 -31.68 -2.11 6.49
CA VAL B 128 -30.74 -1.57 7.46
C VAL B 128 -29.41 -2.32 7.44
N ASP B 129 -29.40 -3.58 6.97
CA ASP B 129 -28.16 -4.35 6.92
C ASP B 129 -27.21 -3.86 5.84
N LYS B 130 -27.62 -2.91 4.99
CA LYS B 130 -26.71 -2.19 4.12
C LYS B 130 -25.70 -1.36 4.90
N LEU B 131 -25.98 -1.05 6.17
CA LEU B 131 -24.96 -0.43 7.00
C LEU B 131 -23.91 -1.42 7.46
N THR B 132 -24.17 -2.73 7.39
CA THR B 132 -23.20 -3.70 7.86
C THR B 132 -22.00 -3.82 6.92
N GLN B 133 -22.17 -3.46 5.65
CA GLN B 133 -21.07 -3.47 4.71
C GLN B 133 -20.11 -2.33 5.01
N GLY B 134 -18.93 -2.44 4.44
CA GLY B 134 -17.94 -1.39 4.56
C GLY B 134 -16.88 -1.69 5.61
N ARG B 135 -16.10 -0.67 5.89
CA ARG B 135 -14.93 -0.77 6.77
C ARG B 135 -15.33 -0.64 8.23
N GLN B 136 -14.34 -0.38 9.08
CA GLN B 136 -14.57 -0.20 10.51
C GLN B 136 -15.37 1.08 10.77
N THR B 137 -15.87 1.17 12.00
CA THR B 137 -16.78 2.23 12.41
C THR B 137 -16.58 2.47 13.90
N TYR B 138 -16.62 3.74 14.31
CA TYR B 138 -16.60 4.08 15.72
C TYR B 138 -17.84 3.53 16.41
N ASP B 139 -17.67 3.11 17.66
CA ASP B 139 -18.79 2.61 18.46
C ASP B 139 -18.81 3.37 19.78
N TRP B 140 -19.79 4.25 19.93
CA TRP B 140 -19.87 5.13 21.09
C TRP B 140 -20.30 4.41 22.36
N THR B 141 -20.86 3.20 22.24
CA THR B 141 -21.15 2.41 23.43
C THR B 141 -19.89 1.80 24.04
N LEU B 142 -18.81 1.72 23.26
CA LEU B 142 -17.55 1.18 23.74
C LEU B 142 -16.42 2.19 23.76
N ASN B 143 -16.58 3.33 23.07
CA ASN B 143 -15.50 4.27 22.72
C ASN B 143 -14.36 3.52 22.05
N ARG B 144 -14.69 2.75 21.01
CA ARG B 144 -13.71 1.94 20.33
C ARG B 144 -14.17 1.69 18.91
N ASN B 145 -13.22 1.61 17.98
CA ASN B 145 -13.54 1.13 16.65
C ASN B 145 -13.96 -0.33 16.71
N GLN B 146 -14.89 -0.70 15.84
CA GLN B 146 -15.41 -2.05 15.77
C GLN B 146 -15.65 -2.35 14.30
N PRO B 147 -15.98 -3.59 13.95
CA PRO B 147 -16.58 -3.84 12.65
C PRO B 147 -17.95 -3.19 12.55
N ALA B 148 -18.42 -3.05 11.32
CA ALA B 148 -19.68 -2.33 11.09
C ALA B 148 -20.87 -3.11 11.60
N ALA B 149 -20.83 -4.44 11.48
CA ALA B 149 -21.95 -5.26 11.93
C ALA B 149 -22.09 -5.23 13.45
N THR B 150 -20.97 -5.29 14.17
CA THR B 150 -21.03 -5.30 15.63
C THR B 150 -21.46 -3.93 16.17
N ALA B 151 -20.95 -2.85 15.57
CA ALA B 151 -21.33 -1.51 16.00
C ALA B 151 -22.80 -1.24 15.68
N LEU B 152 -23.28 -1.73 14.54
CA LEU B 152 -24.69 -1.57 14.21
C LEU B 152 -25.58 -2.36 15.16
N ALA B 153 -25.16 -3.58 15.51
CA ALA B 153 -25.94 -4.40 16.43
C ALA B 153 -25.98 -3.81 17.83
N ASN B 154 -24.86 -3.25 18.29
CA ASN B 154 -24.85 -2.60 19.59
C ASN B 154 -25.71 -1.35 19.62
N THR B 155 -25.70 -0.58 18.52
CA THR B 155 -26.54 0.61 18.49
C THR B 155 -28.03 0.26 18.45
N ILE B 156 -28.40 -0.78 17.70
CA ILE B 156 -29.79 -1.22 17.65
C ILE B 156 -30.23 -1.77 19.01
N GLU B 157 -29.35 -2.50 19.71
CA GLU B 157 -29.69 -3.03 21.02
C GLU B 157 -29.87 -1.91 22.06
N VAL B 158 -28.97 -0.92 22.07
CA VAL B 158 -29.09 0.18 23.00
C VAL B 158 -30.31 1.04 22.69
N PHE B 159 -30.66 1.17 21.41
CA PHE B 159 -31.91 1.84 21.06
C PHE B 159 -33.12 1.01 21.44
N ARG B 160 -33.00 -0.32 21.45
CA ARG B 160 -34.12 -1.18 21.80
C ARG B 160 -34.39 -1.17 23.29
N LYS B 161 -33.36 -0.98 24.11
CA LYS B 161 -33.56 -0.89 25.55
C LYS B 161 -34.34 0.38 25.89
N ASN B 162 -33.93 1.51 25.34
CA ASN B 162 -34.71 2.73 25.52
C ASN B 162 -35.90 2.71 24.58
N GLY B 163 -36.71 3.76 24.62
CA GLY B 163 -37.96 3.72 23.89
C GLY B 163 -37.87 4.14 22.45
N TYR B 164 -37.01 3.48 21.65
CA TYR B 164 -36.81 3.85 20.24
C TYR B 164 -36.75 2.57 19.42
N LYS B 165 -37.90 2.16 18.88
CA LYS B 165 -38.03 0.85 18.26
C LYS B 165 -38.60 0.94 16.86
N LEU B 166 -38.41 2.07 16.17
CA LEU B 166 -38.98 2.25 14.85
C LEU B 166 -38.26 1.45 13.78
N ASN B 167 -37.06 0.93 14.07
CA ASN B 167 -36.31 0.13 13.12
C ASN B 167 -36.69 -1.35 13.20
N GLU B 168 -37.86 -1.65 13.74
CA GLU B 168 -38.34 -3.03 13.77
C GLU B 168 -38.81 -3.47 12.39
N SER B 169 -39.12 -2.53 11.50
CA SER B 169 -39.59 -2.86 10.17
C SER B 169 -38.47 -3.26 9.21
N GLY B 170 -37.21 -3.10 9.62
CA GLY B 170 -36.09 -3.53 8.84
C GLY B 170 -35.53 -2.49 7.89
N ARG B 171 -36.28 -1.41 7.63
CA ARG B 171 -35.86 -0.42 6.66
C ARG B 171 -34.76 0.46 7.24
N LEU B 172 -34.25 1.38 6.41
CA LEU B 172 -33.16 2.25 6.80
C LEU B 172 -33.62 3.64 7.19
N ILE B 173 -34.62 4.17 6.48
CA ILE B 173 -35.14 5.50 6.79
C ILE B 173 -35.83 5.50 8.15
N ASP B 174 -36.41 4.37 8.54
CA ASP B 174 -36.96 4.25 9.89
C ASP B 174 -35.86 4.23 10.95
N PHE B 175 -34.71 3.62 10.64
CA PHE B 175 -33.58 3.69 11.55
C PHE B 175 -33.04 5.11 11.65
N LEU B 176 -33.08 5.87 10.56
CA LEU B 176 -32.68 7.27 10.66
C LEU B 176 -33.68 8.09 11.46
N LYS B 177 -34.97 7.74 11.39
CA LYS B 177 -35.97 8.35 12.25
C LYS B 177 -35.67 8.07 13.72
N ASP B 178 -35.29 6.83 14.03
CA ASP B 178 -34.89 6.48 15.39
C ASP B 178 -33.67 7.26 15.83
N VAL B 179 -32.71 7.45 14.93
CA VAL B 179 -31.48 8.19 15.23
C VAL B 179 -31.80 9.63 15.58
N LEU B 180 -32.64 10.27 14.76
CA LEU B 180 -32.99 11.67 15.03
C LEU B 180 -33.85 11.81 16.28
N LEU B 181 -34.70 10.82 16.56
CA LEU B 181 -35.55 10.91 17.75
C LEU B 181 -34.76 10.67 19.02
N SER B 182 -33.67 9.93 18.95
CA SER B 182 -32.91 9.58 20.15
C SER B 182 -32.16 10.76 20.76
N PHE B 183 -32.15 11.94 20.13
CA PHE B 183 -31.56 13.12 20.76
C PHE B 183 -32.50 13.77 21.77
N GLU B 184 -33.73 13.27 21.88
CA GLU B 184 -34.64 13.78 22.91
C GLU B 184 -34.22 13.35 24.30
N ASN B 185 -33.64 12.16 24.41
CA ASN B 185 -33.47 11.51 25.70
C ASN B 185 -32.40 12.17 26.53
N ASP B 186 -32.80 12.71 27.68
CA ASP B 186 -31.86 13.24 28.66
C ASP B 186 -31.35 12.18 29.60
N SER B 187 -31.75 10.92 29.42
CA SER B 187 -31.47 9.85 30.36
C SER B 187 -31.03 8.60 29.62
N MET B 188 -30.05 8.74 28.73
CA MET B 188 -29.55 7.59 27.99
C MET B 188 -28.69 6.73 28.91
N GLU B 189 -29.18 5.53 29.25
CA GLU B 189 -28.46 4.60 30.10
C GLU B 189 -27.77 3.56 29.23
N VAL B 190 -26.45 3.45 29.39
CA VAL B 190 -25.62 2.58 28.56
C VAL B 190 -24.79 1.69 29.47
N THR B 191 -24.86 0.38 29.24
CA THR B 191 -24.17 -0.61 30.06
C THR B 191 -22.68 -0.56 29.72
N THR B 192 -21.88 -0.06 30.64
CA THR B 192 -20.45 0.09 30.43
C THR B 192 -19.66 -0.77 31.41
N HIS B 193 -18.50 -1.23 30.95
CA HIS B 193 -17.51 -1.86 31.81
C HIS B 193 -16.48 -0.84 32.25
N LYS B 216 -19.46 -4.64 37.15
CA LYS B 216 -19.81 -3.66 36.14
C LYS B 216 -20.86 -2.70 36.68
N LYS B 217 -21.15 -1.66 35.90
CA LYS B 217 -22.11 -0.65 36.31
C LYS B 217 -22.70 0.01 35.07
N ARG B 218 -24.03 0.00 34.97
CA ARG B 218 -24.74 0.66 33.89
C ARG B 218 -24.81 2.14 34.21
N VAL B 219 -23.98 2.94 33.55
CA VAL B 219 -23.88 4.38 33.81
C VAL B 219 -24.95 5.09 32.99
N LYS B 220 -25.32 6.29 33.40
CA LYS B 220 -26.35 7.07 32.74
C LYS B 220 -25.70 8.29 32.09
N LEU B 221 -25.85 8.40 30.78
CA LEU B 221 -25.41 9.60 30.07
C LEU B 221 -26.44 10.71 30.24
N THR B 222 -25.96 11.94 30.36
CA THR B 222 -26.85 13.07 30.25
C THR B 222 -27.06 13.41 28.79
N LYS B 223 -27.91 14.40 28.52
CA LYS B 223 -28.26 14.74 27.15
C LYS B 223 -27.09 15.37 26.42
N LYS B 224 -26.32 16.22 27.11
CA LYS B 224 -25.15 16.85 26.51
C LYS B 224 -24.07 15.81 26.21
N ASN B 225 -23.87 14.85 27.10
CA ASN B 225 -22.84 13.82 26.89
C ASN B 225 -23.22 12.89 25.75
N TYR B 226 -24.49 12.53 25.63
CA TYR B 226 -24.90 11.67 24.53
C TYR B 226 -24.86 12.42 23.21
N LEU B 227 -25.22 13.70 23.22
CA LEU B 227 -25.20 14.47 21.99
C LEU B 227 -23.77 14.73 21.52
N ILE B 228 -22.82 14.82 22.46
CA ILE B 228 -21.42 14.92 22.05
C ILE B 228 -20.89 13.56 21.59
N ARG B 229 -21.29 12.48 22.26
CA ARG B 229 -20.88 11.14 21.85
C ARG B 229 -21.46 10.70 20.51
N ALA B 230 -22.57 11.29 20.07
CA ALA B 230 -23.11 10.93 18.78
C ALA B 230 -22.38 11.62 17.64
N LEU B 231 -21.82 12.80 17.89
CA LEU B 231 -21.17 13.62 16.87
C LEU B 231 -19.66 13.52 16.92
N THR B 232 -19.13 12.34 17.21
CA THR B 232 -17.70 12.15 17.44
C THR B 232 -17.10 11.38 16.27
N LEU B 233 -15.98 11.87 15.75
CA LEU B 233 -15.18 11.12 14.80
C LEU B 233 -13.97 10.55 15.53
N ASN B 234 -13.69 9.28 15.31
CA ASN B 234 -12.55 8.64 15.95
C ASN B 234 -11.33 8.75 15.06
N THR B 235 -10.26 9.34 15.57
CA THR B 235 -9.11 9.70 14.74
C THR B 235 -7.95 8.76 15.00
N MET B 236 -7.46 8.12 13.95
CA MET B 236 -6.25 7.30 13.99
C MET B 236 -5.24 7.84 13.00
N THR B 237 -4.07 7.22 12.98
CA THR B 237 -3.02 7.57 12.03
C THR B 237 -3.13 6.65 10.82
N LYS B 238 -3.02 7.22 9.63
CA LYS B 238 -3.10 6.40 8.43
C LYS B 238 -1.75 5.74 8.21
N ASP B 239 -1.72 4.42 8.32
CA ASP B 239 -0.50 3.64 8.12
C ASP B 239 -0.49 3.06 6.71
N ALA B 240 0.73 2.78 6.24
CA ALA B 240 1.02 2.24 4.91
C ALA B 240 0.49 3.15 3.80
N GLU B 241 1.04 4.36 3.75
CA GLU B 241 0.78 5.29 2.66
C GLU B 241 2.07 5.57 1.92
N ARG B 242 1.95 5.81 0.62
CA ARG B 242 3.09 5.99 -0.27
C ARG B 242 3.20 7.45 -0.68
N GLY B 243 4.39 8.01 -0.52
CA GLY B 243 4.66 9.35 -0.98
C GLY B 243 4.58 10.45 0.04
N LYS B 244 4.68 10.13 1.33
CA LYS B 244 4.66 11.12 2.39
C LYS B 244 5.82 10.85 3.32
N LEU B 245 6.66 11.87 3.55
CA LEU B 245 7.69 11.74 4.55
C LEU B 245 7.10 11.79 5.96
N LYS B 246 6.28 12.80 6.24
CA LYS B 246 5.70 12.99 7.56
C LYS B 246 4.25 12.50 7.56
N ARG B 247 3.86 11.87 8.66
CA ARG B 247 2.57 11.18 8.72
C ARG B 247 1.43 12.18 8.84
N ARG B 248 0.21 11.64 8.79
CA ARG B 248 -1.00 12.44 8.87
C ARG B 248 -2.06 11.63 9.58
N ALA B 249 -3.18 12.27 9.88
CA ALA B 249 -4.26 11.63 10.62
C ALA B 249 -5.48 11.48 9.73
N ILE B 250 -6.24 10.41 9.95
CA ILE B 250 -7.54 10.22 9.32
C ILE B 250 -8.56 9.88 10.39
N ALA B 251 -9.82 9.89 10.01
CA ALA B 251 -10.91 9.74 10.96
C ALA B 251 -11.96 8.78 10.44
N THR B 252 -12.62 8.11 11.37
CA THR B 252 -13.70 7.19 11.13
C THR B 252 -14.98 7.78 11.74
N PRO B 253 -16.07 7.80 11.00
CA PRO B 253 -17.30 8.37 11.56
C PRO B 253 -17.96 7.48 12.58
N GLY B 254 -19.02 7.96 13.21
CA GLY B 254 -19.75 7.17 14.18
C GLY B 254 -20.72 6.22 13.51
N MET B 255 -21.69 5.75 14.30
CA MET B 255 -22.68 4.84 13.75
C MET B 255 -23.94 5.55 13.32
N GLN B 256 -24.35 6.60 14.04
CA GLN B 256 -25.56 7.33 13.67
C GLN B 256 -25.35 8.20 12.45
N ILE B 257 -24.11 8.54 12.14
CA ILE B 257 -23.82 9.42 11.00
C ILE B 257 -23.41 8.63 9.76
N ARG B 258 -23.50 7.30 9.81
CA ARG B 258 -23.16 6.50 8.64
C ARG B 258 -24.28 6.50 7.61
N GLY B 259 -25.54 6.47 8.07
CA GLY B 259 -26.65 6.32 7.14
C GLY B 259 -26.89 7.56 6.31
N PHE B 260 -26.81 8.73 6.93
CA PHE B 260 -27.01 9.97 6.19
C PHE B 260 -25.89 10.20 5.19
N VAL B 261 -24.66 9.86 5.57
CA VAL B 261 -23.52 9.95 4.66
C VAL B 261 -23.70 8.98 3.51
N TYR B 262 -24.26 7.79 3.77
CA TYR B 262 -24.51 6.84 2.69
C TYR B 262 -25.54 7.37 1.70
N PHE B 263 -26.59 8.02 2.19
CA PHE B 263 -27.61 8.54 1.27
C PHE B 263 -27.09 9.74 0.47
N VAL B 264 -26.32 10.62 1.11
CA VAL B 264 -25.77 11.78 0.41
C VAL B 264 -24.74 11.34 -0.63
N GLU B 265 -23.89 10.37 -0.29
CA GLU B 265 -22.92 9.86 -1.24
C GLU B 265 -23.59 9.08 -2.36
N LEU B 266 -24.76 8.48 -2.10
CA LEU B 266 -25.52 7.85 -3.18
C LEU B 266 -26.03 8.88 -4.17
N LEU B 267 -26.55 10.01 -3.68
CA LEU B 267 -27.02 11.07 -4.58
C LEU B 267 -25.86 11.65 -5.38
N ALA B 268 -24.74 11.93 -4.71
CA ALA B 268 -23.60 12.52 -5.39
C ALA B 268 -22.95 11.53 -6.36
N ARG B 269 -23.03 10.24 -6.06
CA ARG B 269 -22.55 9.24 -6.99
C ARG B 269 -23.43 9.17 -8.23
N ASN B 270 -24.75 9.30 -8.04
CA ASN B 270 -25.65 9.31 -9.20
C ASN B 270 -25.47 10.56 -10.04
N ILE B 271 -25.01 11.66 -9.44
CA ILE B 271 -24.69 12.84 -10.25
C ILE B 271 -23.38 12.64 -10.99
N CYS B 272 -22.32 12.25 -10.28
CA CYS B 272 -20.96 12.26 -10.81
C CYS B 272 -20.74 11.25 -11.94
N GLU B 273 -21.60 10.26 -12.10
CA GLU B 273 -21.45 9.34 -13.21
C GLU B 273 -21.93 9.92 -14.52
N ARG B 274 -22.58 11.07 -14.51
CA ARG B 274 -23.11 11.65 -15.73
C ARG B 274 -22.38 12.90 -16.19
N LEU B 275 -21.61 13.54 -15.32
CA LEU B 275 -20.72 14.61 -15.73
C LEU B 275 -19.50 14.00 -16.40
N GLU B 276 -19.26 14.34 -17.66
CA GLU B 276 -18.13 13.78 -18.39
C GLU B 276 -16.79 14.27 -17.87
N GLN B 277 -16.76 15.32 -17.06
CA GLN B 277 -15.54 15.85 -16.49
C GLN B 277 -15.27 15.31 -15.10
N SER B 278 -15.84 14.16 -14.75
CA SER B 278 -15.64 13.55 -13.44
C SER B 278 -14.84 12.27 -13.60
N GLY B 279 -13.69 12.19 -12.94
CA GLY B 279 -12.90 11.00 -12.98
C GLY B 279 -13.37 9.88 -12.10
N LEU B 280 -14.32 10.14 -11.21
CA LEU B 280 -14.88 9.19 -10.27
C LEU B 280 -16.25 8.76 -10.73
N PRO B 281 -16.71 7.54 -10.37
CA PRO B 281 -16.07 6.43 -9.68
C PRO B 281 -15.63 5.32 -10.62
N VAL B 282 -15.51 5.64 -11.90
CA VAL B 282 -15.11 4.67 -12.92
C VAL B 282 -13.61 4.40 -12.80
N GLY B 283 -13.15 3.35 -13.47
CA GLY B 283 -11.74 3.02 -13.45
C GLY B 283 -11.41 2.01 -14.53
N GLY B 284 -10.12 1.70 -14.62
CA GLY B 284 -9.65 0.69 -15.56
C GLY B 284 -9.45 1.26 -16.95
N ASN B 285 -10.11 0.67 -17.94
CA ASN B 285 -10.05 1.15 -19.31
C ASN B 285 -11.13 2.17 -19.60
N GLU B 286 -12.05 2.40 -18.67
CA GLU B 286 -13.07 3.41 -18.83
C GLU B 286 -12.64 4.75 -18.27
N LYS B 287 -11.39 4.88 -17.85
CA LYS B 287 -10.81 6.16 -17.44
C LYS B 287 -9.85 6.71 -18.49
N LYS B 288 -9.17 5.84 -19.24
CA LYS B 288 -8.30 6.30 -20.31
C LYS B 288 -9.08 6.95 -21.44
N ALA B 289 -10.31 6.47 -21.68
CA ALA B 289 -11.18 7.05 -22.69
C ALA B 289 -11.55 8.49 -22.35
N LYS B 290 -11.63 8.81 -21.05
CA LYS B 290 -11.93 10.18 -20.65
C LYS B 290 -10.77 11.13 -20.96
N LEU B 291 -9.54 10.69 -20.68
CA LEU B 291 -8.37 11.52 -20.98
C LEU B 291 -8.21 11.74 -22.47
N ALA B 292 -8.31 10.66 -23.25
CA ALA B 292 -8.20 10.79 -24.70
C ALA B 292 -9.38 11.56 -25.28
N ASN B 293 -10.55 11.49 -24.65
CA ASN B 293 -11.69 12.24 -25.14
C ASN B 293 -11.53 13.73 -24.92
N VAL B 294 -11.04 14.15 -23.74
CA VAL B 294 -10.91 15.59 -23.53
C VAL B 294 -9.75 16.16 -24.32
N ILE B 295 -8.71 15.36 -24.58
CA ILE B 295 -7.63 15.86 -25.43
C ILE B 295 -8.09 15.95 -26.88
N LYS B 296 -8.88 14.97 -27.33
CA LYS B 296 -9.43 15.01 -28.69
C LYS B 296 -10.43 16.15 -28.86
N LYS B 297 -11.20 16.47 -27.82
CA LYS B 297 -12.13 17.58 -27.91
C LYS B 297 -11.40 18.93 -27.91
N MET B 298 -10.58 19.18 -26.90
CA MET B 298 -10.05 20.53 -26.70
C MET B 298 -8.94 20.90 -27.67
N MET B 299 -8.36 19.94 -28.39
CA MET B 299 -7.34 20.24 -29.38
C MET B 299 -7.80 19.89 -30.79
N ALA B 300 -9.10 19.91 -31.04
CA ALA B 300 -9.60 19.50 -32.34
C ALA B 300 -9.44 20.61 -33.38
N LYS B 301 -10.15 21.72 -33.17
CA LYS B 301 -10.26 22.77 -34.17
C LYS B 301 -9.34 23.94 -33.90
N SER B 302 -8.12 23.67 -33.42
CA SER B 302 -7.16 24.73 -33.15
C SER B 302 -6.66 25.32 -34.47
N THR B 303 -6.69 26.65 -34.57
CA THR B 303 -6.21 27.37 -35.73
C THR B 303 -4.68 27.49 -35.64
N ASP B 304 -4.10 28.32 -36.52
CA ASP B 304 -2.66 28.55 -36.45
C ASP B 304 -2.26 29.43 -35.28
N GLU B 305 -3.21 30.18 -34.72
CA GLU B 305 -2.93 30.99 -33.55
C GLU B 305 -3.43 30.38 -32.25
N GLU B 306 -4.31 29.39 -32.32
CA GLU B 306 -5.03 28.89 -31.14
C GLU B 306 -4.08 28.03 -30.31
N LEU B 307 -3.39 28.68 -29.37
CA LEU B 307 -2.53 27.95 -28.45
C LEU B 307 -3.36 27.19 -27.43
N SER B 308 -2.80 26.09 -26.94
CA SER B 308 -3.47 25.25 -25.96
C SER B 308 -2.46 24.78 -24.95
N TYR B 309 -2.72 25.03 -23.67
CA TYR B 309 -1.84 24.66 -22.57
C TYR B 309 -2.57 23.73 -21.63
N THR B 310 -1.81 23.12 -20.74
CA THR B 310 -2.34 22.12 -19.82
C THR B 310 -1.64 22.26 -18.49
N ILE B 311 -2.43 22.40 -17.43
CA ILE B 311 -1.94 22.40 -16.07
C ILE B 311 -2.21 21.03 -15.47
N THR B 312 -1.15 20.39 -14.99
CA THR B 312 -1.27 19.24 -14.10
C THR B 312 -1.21 19.78 -12.69
N GLY B 313 -2.23 19.50 -11.88
CA GLY B 313 -2.26 20.11 -10.58
C GLY B 313 -2.79 19.27 -9.45
N ASP B 314 -2.19 19.44 -8.29
CA ASP B 314 -2.69 18.93 -7.04
C ASP B 314 -3.26 20.09 -6.24
N ASN B 315 -4.16 19.77 -5.32
CA ASN B 315 -4.77 20.75 -4.43
C ASN B 315 -4.17 20.63 -3.06
N THR B 316 -3.68 21.75 -2.52
CA THR B 316 -3.18 21.74 -1.15
C THR B 316 -4.34 21.92 -0.18
N LYS B 317 -4.28 21.16 0.92
CA LYS B 317 -5.23 21.23 2.03
C LYS B 317 -6.67 21.04 1.55
N TRP B 318 -6.90 19.89 0.93
CA TRP B 318 -8.23 19.64 0.40
C TRP B 318 -9.22 19.30 1.49
N ASN B 319 -8.74 18.79 2.62
CA ASN B 319 -9.67 18.43 3.68
C ASN B 319 -10.00 19.64 4.54
N GLU B 320 -9.00 20.40 4.94
CA GLU B 320 -9.17 21.40 5.97
C GLU B 320 -9.85 22.68 5.49
N ASN B 321 -10.33 22.74 4.26
CA ASN B 321 -10.84 23.99 3.76
C ASN B 321 -12.26 23.93 3.20
N GLN B 322 -12.78 22.77 2.87
CA GLN B 322 -14.17 22.70 2.44
C GLN B 322 -15.05 22.61 3.69
N ASN B 323 -15.80 23.66 3.94
CA ASN B 323 -16.70 23.78 5.07
C ASN B 323 -17.97 23.00 4.81
N PRO B 324 -18.57 22.36 5.83
CA PRO B 324 -19.79 21.59 5.61
C PRO B 324 -21.01 22.43 5.31
N ARG B 325 -21.01 23.72 5.68
CA ARG B 325 -22.14 24.57 5.35
C ARG B 325 -22.23 24.85 3.86
N ILE B 326 -21.08 24.85 3.17
CA ILE B 326 -21.06 24.91 1.71
C ILE B 326 -21.71 23.66 1.14
N PHE B 327 -21.45 22.51 1.75
CA PHE B 327 -22.10 21.28 1.30
C PHE B 327 -23.59 21.29 1.61
N LEU B 328 -23.99 21.99 2.67
CA LEU B 328 -25.42 22.14 2.94
C LEU B 328 -26.10 23.01 1.89
N ALA B 329 -25.46 24.11 1.51
CA ALA B 329 -25.99 24.94 0.43
C ALA B 329 -26.02 24.19 -0.90
N MET B 330 -25.06 23.30 -1.12
CA MET B 330 -25.06 22.50 -2.34
C MET B 330 -26.19 21.49 -2.34
N VAL B 331 -26.38 20.74 -1.25
CA VAL B 331 -27.46 19.75 -1.25
C VAL B 331 -28.83 20.37 -1.04
N LEU B 332 -28.90 21.66 -0.72
CA LEU B 332 -30.19 22.36 -0.78
C LEU B 332 -30.44 23.00 -2.13
N ARG B 333 -29.40 23.27 -2.91
CA ARG B 333 -29.62 23.78 -4.26
C ARG B 333 -29.85 22.66 -5.26
N ILE B 334 -29.23 21.50 -5.03
CA ILE B 334 -29.40 20.36 -5.92
C ILE B 334 -30.81 19.81 -5.82
N THR B 335 -31.32 19.67 -4.60
CA THR B 335 -32.64 19.11 -4.34
C THR B 335 -33.74 20.17 -4.36
N ALA B 336 -33.57 21.26 -5.10
CA ALA B 336 -34.60 22.29 -5.19
C ALA B 336 -35.76 21.78 -6.02
N GLY B 337 -36.98 21.97 -5.51
CA GLY B 337 -38.17 21.50 -6.19
C GLY B 337 -38.57 20.08 -5.84
N GLN B 338 -37.75 19.37 -5.08
CA GLN B 338 -38.08 18.03 -4.62
C GLN B 338 -39.02 18.12 -3.43
N PRO B 339 -39.64 17.00 -3.02
CA PRO B 339 -40.41 17.01 -1.76
C PRO B 339 -39.54 17.30 -0.56
N GLU B 340 -40.15 17.91 0.47
CA GLU B 340 -39.38 18.47 1.57
C GLU B 340 -38.78 17.43 2.49
N TRP B 341 -39.37 16.24 2.56
CA TRP B 341 -38.76 15.18 3.36
C TRP B 341 -37.44 14.74 2.75
N PHE B 342 -37.32 14.80 1.43
CA PHE B 342 -36.07 14.48 0.75
C PHE B 342 -34.99 15.51 1.08
N ARG B 343 -35.38 16.80 1.07
CA ARG B 343 -34.42 17.86 1.38
C ARG B 343 -33.96 17.77 2.81
N ASP B 344 -34.86 17.44 3.73
CA ASP B 344 -34.45 17.31 5.13
C ASP B 344 -33.55 16.10 5.35
N LEU B 345 -33.91 14.96 4.75
CA LEU B 345 -33.13 13.74 4.93
C LEU B 345 -31.74 13.87 4.34
N LEU B 346 -31.60 14.54 3.19
CA LEU B 346 -30.27 14.73 2.67
C LEU B 346 -29.55 15.93 3.27
N ALA B 347 -30.25 16.81 3.95
CA ALA B 347 -29.60 17.93 4.59
C ALA B 347 -29.15 17.61 6.00
N VAL B 348 -29.52 16.45 6.55
CA VAL B 348 -29.07 16.05 7.88
C VAL B 348 -27.55 15.97 7.96
N ALA B 349 -26.92 15.29 6.99
CA ALA B 349 -25.50 14.98 7.06
C ALA B 349 -24.54 16.19 7.08
N PRO B 350 -24.78 17.29 6.35
CA PRO B 350 -23.96 18.47 6.62
C PRO B 350 -24.27 19.13 7.94
N ILE B 351 -25.49 19.00 8.45
CA ILE B 351 -25.83 19.56 9.75
C ILE B 351 -25.16 18.77 10.86
N MET B 352 -25.07 17.45 10.69
CA MET B 352 -24.30 16.65 11.63
C MET B 352 -22.81 16.90 11.47
N PHE B 353 -22.35 17.23 10.27
CA PHE B 353 -20.92 17.40 10.08
C PHE B 353 -20.41 18.76 10.50
N SER B 354 -21.26 19.78 10.50
CA SER B 354 -20.81 21.10 10.91
C SER B 354 -20.78 21.28 12.41
N ASN B 355 -21.13 20.25 13.18
CA ASN B 355 -21.09 20.30 14.63
C ASN B 355 -20.20 19.21 15.22
N LYS B 356 -19.38 18.57 14.40
CA LYS B 356 -18.63 17.40 14.83
C LYS B 356 -17.53 17.76 15.81
N VAL B 357 -17.13 16.78 16.60
CA VAL B 357 -15.97 16.90 17.46
C VAL B 357 -14.97 15.83 17.04
N ALA B 358 -13.81 15.86 17.66
CA ALA B 358 -12.72 14.96 17.30
C ALA B 358 -12.13 14.38 18.58
N ARG B 359 -12.16 13.05 18.68
CA ARG B 359 -11.52 12.36 19.79
C ARG B 359 -10.02 12.31 19.54
N LEU B 360 -9.23 12.70 20.53
CA LEU B 360 -7.82 13.00 20.31
C LEU B 360 -6.90 11.80 20.45
N GLY B 361 -7.43 10.58 20.47
CA GLY B 361 -6.54 9.44 20.44
C GLY B 361 -6.20 8.89 21.79
N ARG B 362 -5.01 8.27 21.90
CA ARG B 362 -4.66 7.48 23.07
C ARG B 362 -3.54 8.11 23.90
N GLY B 363 -3.52 9.43 24.03
CA GLY B 363 -2.69 10.07 25.02
C GLY B 363 -1.22 10.14 24.69
N TYR B 364 -0.36 9.97 25.69
CA TYR B 364 1.08 10.08 25.52
C TYR B 364 1.78 9.10 26.44
N MET B 365 3.10 9.06 26.35
CA MET B 365 3.92 8.13 27.12
C MET B 365 5.06 8.91 27.73
N PHE B 366 5.17 8.86 29.06
CA PHE B 366 6.19 9.61 29.77
C PHE B 366 7.27 8.67 30.27
N GLU B 367 8.49 9.17 30.36
CA GLU B 367 9.60 8.33 30.80
C GLU B 367 10.47 9.09 31.76
N SER B 368 11.29 8.33 32.49
CA SER B 368 12.28 8.90 33.38
C SER B 368 13.46 7.96 33.42
N LYS B 369 14.66 8.51 33.29
CA LYS B 369 15.89 7.73 33.29
C LYS B 369 16.63 7.76 34.60
N SER B 370 16.25 8.64 35.53
CA SER B 370 16.76 8.53 36.89
C SER B 370 16.15 7.32 37.58
N MET B 371 14.83 7.32 37.76
CA MET B 371 14.13 6.21 38.39
C MET B 371 13.84 5.07 37.43
N HIS B 372 14.12 5.26 36.13
CA HIS B 372 14.11 4.22 35.10
C HIS B 372 12.73 3.59 34.95
N LEU B 373 11.76 4.42 34.59
CA LEU B 373 10.38 3.95 34.56
C LEU B 373 9.56 4.77 33.58
N ARG B 374 8.47 4.18 33.08
CA ARG B 374 7.62 4.82 32.10
C ARG B 374 6.16 4.70 32.52
N THR B 375 5.35 5.65 32.05
CA THR B 375 3.93 5.75 32.37
C THR B 375 3.17 6.13 31.11
N GLN B 376 1.85 6.01 31.18
CA GLN B 376 0.97 6.30 30.06
C GLN B 376 -0.13 7.24 30.50
N ILE B 377 -0.35 8.33 29.76
CA ILE B 377 -1.42 9.29 30.07
C ILE B 377 -2.45 9.21 28.96
N SER B 378 -3.71 9.46 29.34
CA SER B 378 -4.83 9.35 28.43
C SER B 378 -5.15 10.69 27.78
N ALA B 379 -6.14 10.68 26.88
CA ALA B 379 -6.48 11.89 26.15
C ALA B 379 -7.30 12.84 27.01
N GLU B 380 -8.15 12.30 27.88
CA GLU B 380 -9.04 13.13 28.69
C GLU B 380 -8.32 13.90 29.80
N ASN B 381 -7.05 13.64 30.04
CA ASN B 381 -6.30 14.42 31.01
C ASN B 381 -5.61 15.63 30.39
N LEU B 382 -5.77 15.84 29.08
CA LEU B 382 -4.95 16.84 28.41
C LEU B 382 -5.38 18.26 28.77
N SER B 383 -6.67 18.47 29.03
CA SER B 383 -7.13 19.82 29.33
C SER B 383 -6.78 20.26 30.74
N ASP B 384 -6.49 19.34 31.65
CA ASP B 384 -6.33 19.66 33.06
C ASP B 384 -5.10 18.95 33.66
N ILE B 385 -3.96 19.08 32.99
CA ILE B 385 -2.71 18.52 33.48
C ILE B 385 -1.70 19.66 33.58
N ASN B 386 -0.66 19.44 34.36
CA ASN B 386 0.46 20.37 34.40
C ASN B 386 1.30 20.21 33.14
N LEU B 387 1.70 21.33 32.55
CA LEU B 387 2.41 21.31 31.28
C LEU B 387 3.92 21.30 31.45
N ARG B 388 4.42 20.88 32.61
CA ARG B 388 5.86 20.78 32.79
C ARG B 388 6.41 19.46 32.31
N TYR B 389 5.55 18.57 31.81
CA TYR B 389 5.93 17.23 31.41
C TYR B 389 6.14 17.09 29.92
N PHE B 390 5.91 18.14 29.14
CA PHE B 390 5.98 18.06 27.69
C PHE B 390 7.19 18.83 27.18
N ASN B 391 7.47 18.67 25.89
CA ASN B 391 8.56 19.38 25.23
C ASN B 391 8.09 20.79 24.88
N GLU B 392 8.83 21.49 24.02
CA GLU B 392 8.41 22.85 23.65
C GLU B 392 7.19 22.82 22.75
N ASP B 393 7.28 22.05 21.65
CA ASP B 393 6.28 22.14 20.60
C ASP B 393 4.95 21.53 21.01
N THR B 394 4.99 20.41 21.74
CA THR B 394 3.74 19.79 22.15
C THR B 394 3.05 20.62 23.23
N LYS B 395 3.80 21.30 24.07
CA LYS B 395 3.21 22.22 25.04
C LYS B 395 2.57 23.41 24.36
N LYS B 396 3.20 23.89 23.28
CA LYS B 396 2.55 24.92 22.46
C LYS B 396 1.26 24.42 21.83
N LYS B 397 1.24 23.15 21.38
CA LYS B 397 0.04 22.59 20.78
C LYS B 397 -1.08 22.44 21.81
N ILE B 398 -0.75 22.02 23.03
CA ILE B 398 -1.78 21.88 24.05
C ILE B 398 -2.29 23.25 24.50
N GLU B 399 -1.40 24.25 24.57
CA GLU B 399 -1.85 25.60 24.90
C GLU B 399 -2.72 26.19 23.81
N LYS B 400 -2.50 25.83 22.55
CA LYS B 400 -3.34 26.33 21.48
C LYS B 400 -4.64 25.56 21.34
N ILE B 401 -4.70 24.31 21.80
CA ILE B 401 -5.93 23.53 21.67
C ILE B 401 -6.74 23.48 22.97
N ARG B 402 -6.24 24.08 24.05
CA ARG B 402 -6.90 24.00 25.34
C ARG B 402 -8.27 24.67 25.35
N HIS B 403 -8.46 25.73 24.56
CA HIS B 403 -9.73 26.43 24.56
C HIS B 403 -10.78 25.77 23.66
N LEU B 404 -10.52 24.58 23.14
CA LEU B 404 -11.46 23.89 22.28
C LEU B 404 -11.98 22.59 22.90
N MET B 405 -11.56 22.26 24.11
CA MET B 405 -11.85 20.94 24.67
C MET B 405 -13.30 20.83 25.11
N VAL B 406 -13.94 19.72 24.74
CA VAL B 406 -15.25 19.38 25.30
C VAL B 406 -15.25 17.90 25.62
N GLU B 407 -15.03 17.57 26.90
CA GLU B 407 -15.07 16.21 27.44
C GLU B 407 -14.04 15.30 26.76
N GLY B 408 -12.83 15.82 26.57
CA GLY B 408 -11.78 15.07 25.92
C GLY B 408 -11.75 15.17 24.41
N THR B 409 -12.78 15.72 23.80
CA THR B 409 -12.85 15.93 22.37
C THR B 409 -12.58 17.40 22.05
N ALA B 410 -12.11 17.65 20.83
CA ALA B 410 -11.89 19.00 20.34
C ALA B 410 -12.93 19.35 19.30
N SER B 411 -13.49 20.55 19.38
CA SER B 411 -14.51 20.96 18.43
C SER B 411 -13.92 21.21 17.06
N LEU B 412 -14.59 20.72 16.03
CA LEU B 412 -14.06 20.79 14.68
C LEU B 412 -15.14 21.19 13.69
N SER B 413 -15.81 22.31 13.95
CA SER B 413 -16.79 22.81 12.99
C SER B 413 -16.21 23.19 11.62
N PRO B 414 -15.11 23.94 11.49
CA PRO B 414 -14.62 24.21 10.14
C PRO B 414 -13.86 23.01 9.58
N GLY B 415 -13.94 22.88 8.26
CA GLY B 415 -13.15 21.88 7.58
C GLY B 415 -13.72 20.48 7.63
N MET B 416 -13.46 19.72 6.58
CA MET B 416 -13.84 18.31 6.51
C MET B 416 -12.62 17.45 6.85
N MET B 417 -12.88 16.20 7.19
CA MET B 417 -11.81 15.22 7.32
C MET B 417 -11.94 14.20 6.19
N MET B 418 -10.88 13.43 6.01
CA MET B 418 -10.65 12.74 4.74
C MET B 418 -11.56 11.53 4.57
N GLY B 419 -12.01 11.32 3.33
CA GLY B 419 -12.70 10.12 2.94
C GLY B 419 -14.22 10.18 3.00
N MET B 420 -14.79 11.17 3.68
CA MET B 420 -16.23 11.16 3.92
C MET B 420 -17.01 11.66 2.72
N PHE B 421 -16.81 12.92 2.34
CA PHE B 421 -17.53 13.51 1.22
C PHE B 421 -16.57 13.56 0.04
N ASN B 422 -16.53 12.45 -0.71
CA ASN B 422 -15.58 12.33 -1.81
C ASN B 422 -16.17 12.65 -3.16
N MET B 423 -17.49 12.65 -3.30
CA MET B 423 -18.10 12.94 -4.59
C MET B 423 -18.73 14.32 -4.65
N LEU B 424 -19.14 14.89 -3.52
CA LEU B 424 -19.64 16.26 -3.51
C LEU B 424 -18.53 17.26 -3.79
N SER B 425 -17.31 16.96 -3.33
CA SER B 425 -16.16 17.81 -3.66
C SER B 425 -15.84 17.75 -5.14
N THR B 426 -15.99 16.57 -5.74
CA THR B 426 -15.82 16.43 -7.17
C THR B 426 -16.92 17.18 -7.92
N VAL B 427 -18.14 17.21 -7.37
CA VAL B 427 -19.22 18.00 -7.97
C VAL B 427 -18.88 19.49 -7.97
N LEU B 428 -18.31 19.97 -6.87
CA LEU B 428 -17.92 21.39 -6.79
C LEU B 428 -16.79 21.72 -7.75
N GLY B 429 -15.78 20.85 -7.84
CA GLY B 429 -14.70 21.08 -8.79
C GLY B 429 -15.16 21.01 -10.23
N VAL B 430 -16.11 20.12 -10.54
CA VAL B 430 -16.66 20.02 -11.88
C VAL B 430 -17.49 21.26 -12.20
N SER B 431 -18.12 21.87 -11.18
CA SER B 431 -18.81 23.14 -11.39
C SER B 431 -17.84 24.23 -11.78
N VAL B 432 -16.66 24.28 -11.14
CA VAL B 432 -15.67 25.28 -11.52
C VAL B 432 -15.12 25.00 -12.92
N LEU B 433 -14.95 23.73 -13.28
CA LEU B 433 -14.49 23.41 -14.64
C LEU B 433 -15.56 23.71 -15.68
N ASN B 434 -16.83 23.67 -15.29
CA ASN B 434 -17.93 23.98 -16.19
C ASN B 434 -18.23 25.46 -16.23
N LEU B 435 -17.57 26.27 -15.42
CA LEU B 435 -17.68 27.72 -15.60
C LEU B 435 -17.07 28.17 -16.91
N GLY B 436 -16.02 27.50 -17.37
CA GLY B 436 -15.23 28.01 -18.48
C GLY B 436 -15.62 27.56 -19.87
N GLN B 437 -16.86 27.77 -20.28
CA GLN B 437 -17.23 27.55 -21.66
C GLN B 437 -17.12 28.84 -22.45
N ARG B 438 -17.16 28.73 -23.77
CA ARG B 438 -17.01 29.92 -24.60
C ARG B 438 -18.28 30.77 -24.57
N GLU B 439 -19.45 30.12 -24.57
CA GLU B 439 -20.72 30.83 -24.49
C GLU B 439 -20.93 31.49 -23.12
N ILE B 440 -20.28 30.99 -22.08
CA ILE B 440 -20.48 31.49 -20.73
C ILE B 440 -19.48 32.57 -20.38
N LEU B 441 -18.22 32.38 -20.74
CA LEU B 441 -17.19 33.35 -20.38
C LEU B 441 -17.23 34.57 -21.28
N LYS B 442 -17.25 34.36 -22.61
CA LYS B 442 -17.10 35.39 -23.63
C LYS B 442 -15.87 36.26 -23.39
N ARG B 443 -14.75 35.57 -23.16
CA ARG B 443 -13.44 36.16 -23.05
C ARG B 443 -12.57 35.62 -24.18
N THR B 444 -11.28 35.90 -24.13
CA THR B 444 -10.34 35.37 -25.10
C THR B 444 -9.72 34.05 -24.66
N TYR B 445 -10.33 33.34 -23.72
CA TYR B 445 -9.83 32.05 -23.25
C TYR B 445 -11.00 31.15 -22.91
N TRP B 446 -10.74 29.85 -22.91
CA TRP B 446 -11.72 28.89 -22.41
C TRP B 446 -10.99 27.67 -21.90
N TRP B 447 -11.68 26.84 -21.13
CA TRP B 447 -11.00 25.70 -20.53
C TRP B 447 -11.95 24.52 -20.37
N ASP B 448 -11.36 23.36 -20.13
CA ASP B 448 -12.10 22.15 -19.77
C ASP B 448 -11.13 21.22 -19.05
N GLY B 449 -11.54 20.00 -18.81
CA GLY B 449 -10.62 19.08 -18.20
C GLY B 449 -11.32 18.18 -17.23
N LEU B 450 -10.54 17.59 -16.33
CA LEU B 450 -11.04 16.57 -15.41
C LEU B 450 -10.67 16.94 -13.98
N GLN B 451 -11.53 16.53 -13.05
CA GLN B 451 -11.27 16.66 -11.62
C GLN B 451 -11.67 15.38 -10.92
N SER B 452 -10.76 14.82 -10.13
CA SER B 452 -11.03 13.59 -9.35
C SER B 452 -10.53 13.78 -7.92
N SER B 453 -11.42 13.58 -6.94
CA SER B 453 -11.08 13.73 -5.50
C SER B 453 -10.44 15.10 -5.23
N ASP B 454 -9.12 15.20 -5.36
CA ASP B 454 -8.41 16.48 -5.10
C ASP B 454 -7.34 16.55 -6.19
N ASP B 455 -7.47 15.75 -7.24
CA ASP B 455 -6.56 15.79 -8.38
C ASP B 455 -7.14 16.30 -9.69
N PHE B 456 -6.50 17.29 -10.30
CA PHE B 456 -7.11 17.95 -11.43
C PHE B 456 -6.14 18.13 -12.59
N ALA B 457 -6.71 18.07 -13.79
CA ALA B 457 -6.01 18.36 -15.02
C ALA B 457 -6.85 19.35 -15.81
N LEU B 458 -6.27 20.51 -16.14
CA LEU B 458 -7.01 21.61 -16.71
C LEU B 458 -6.40 22.00 -18.05
N ILE B 459 -7.20 21.97 -19.11
CA ILE B 459 -6.74 22.30 -20.45
C ILE B 459 -7.32 23.65 -20.83
N ILE B 460 -6.45 24.60 -21.18
CA ILE B 460 -6.81 25.99 -21.43
C ILE B 460 -6.45 26.34 -22.87
N ASN B 461 -7.43 26.78 -23.64
CA ASN B 461 -7.18 27.25 -24.99
C ASN B 461 -7.31 28.77 -25.06
N GLY B 462 -6.44 29.39 -25.83
CA GLY B 462 -6.46 30.83 -26.02
C GLY B 462 -5.80 31.22 -27.32
N HIS B 463 -5.64 32.53 -27.51
CA HIS B 463 -5.06 33.05 -28.73
C HIS B 463 -3.60 33.44 -28.59
N PHE B 464 -3.21 34.05 -27.48
CA PHE B 464 -1.82 34.36 -27.19
C PHE B 464 -1.42 33.73 -25.87
N LYS B 465 -0.18 33.95 -25.45
CA LYS B 465 0.24 33.39 -24.17
C LYS B 465 -0.28 34.20 -23.01
N GLU B 466 -0.43 35.51 -23.17
CA GLU B 466 -1.00 36.32 -22.10
C GLU B 466 -2.47 36.00 -21.87
N ASP B 467 -3.17 35.53 -22.90
CA ASP B 467 -4.55 35.07 -22.71
C ASP B 467 -4.57 33.80 -21.87
N ILE B 468 -3.59 32.92 -22.07
CA ILE B 468 -3.48 31.73 -21.25
C ILE B 468 -3.18 32.10 -19.81
N GLN B 469 -2.34 33.12 -19.60
CA GLN B 469 -2.03 33.57 -18.23
C GLN B 469 -3.25 34.17 -17.56
N GLN B 470 -4.03 34.98 -18.29
CA GLN B 470 -5.23 35.54 -17.69
C GLN B 470 -6.30 34.49 -17.44
N GLY B 471 -6.34 33.44 -18.26
CA GLY B 471 -7.25 32.34 -17.99
C GLY B 471 -6.87 31.54 -16.76
N VAL B 472 -5.57 31.33 -16.56
CA VAL B 472 -5.10 30.67 -15.33
C VAL B 472 -5.45 31.51 -14.11
N ASN B 473 -5.29 32.82 -14.22
CA ASN B 473 -5.64 33.70 -13.11
C ASN B 473 -7.13 33.68 -12.81
N HIS B 474 -7.98 33.64 -13.84
CA HIS B 474 -9.42 33.58 -13.62
C HIS B 474 -9.83 32.27 -12.97
N PHE B 475 -9.22 31.17 -13.40
CA PHE B 475 -9.51 29.87 -12.78
C PHE B 475 -9.06 29.83 -11.32
N TYR B 476 -7.86 30.32 -11.04
CA TYR B 476 -7.32 30.26 -9.68
C TYR B 476 -8.09 31.16 -8.74
N ARG B 477 -8.45 32.36 -9.20
CA ARG B 477 -9.24 33.27 -8.39
C ARG B 477 -10.66 32.75 -8.18
N THR B 478 -11.24 32.07 -9.16
CA THR B 478 -12.56 31.49 -8.98
C THR B 478 -12.51 30.34 -7.99
N CYS B 479 -11.45 29.53 -8.04
CA CYS B 479 -11.29 28.45 -7.08
C CYS B 479 -11.12 28.99 -5.67
N LYS B 480 -10.48 30.16 -5.51
CA LYS B 480 -10.33 30.75 -4.18
C LYS B 480 -11.66 31.19 -3.57
N LEU B 481 -12.71 31.34 -4.37
CA LEU B 481 -14.00 31.76 -3.84
C LEU B 481 -14.84 30.63 -3.30
N VAL B 482 -14.43 29.37 -3.47
CA VAL B 482 -15.20 28.25 -2.97
C VAL B 482 -14.40 27.38 -2.01
N GLY B 483 -13.17 27.75 -1.69
CA GLY B 483 -12.34 26.97 -0.81
C GLY B 483 -11.36 26.06 -1.50
N ILE B 484 -11.48 25.89 -2.81
CA ILE B 484 -10.57 25.06 -3.58
C ILE B 484 -9.24 25.80 -3.75
N ASN B 485 -8.18 25.26 -3.19
CA ASN B 485 -6.87 25.89 -3.23
C ASN B 485 -5.95 25.07 -4.13
N MET B 486 -5.59 25.62 -5.28
CA MET B 486 -4.60 24.97 -6.12
C MET B 486 -3.24 25.10 -5.47
N SER B 487 -2.49 24.00 -5.44
CA SER B 487 -1.16 24.01 -4.84
C SER B 487 -0.16 24.59 -5.83
N GLN B 488 0.44 25.71 -5.48
CA GLN B 488 1.41 26.32 -6.37
C GLN B 488 2.72 25.58 -6.42
N LYS B 489 3.00 24.74 -5.42
CA LYS B 489 4.28 24.04 -5.40
C LYS B 489 4.26 22.82 -6.31
N LYS B 490 3.17 22.06 -6.31
CA LYS B 490 3.13 20.77 -6.97
C LYS B 490 2.26 20.80 -8.22
N SER B 491 2.26 21.90 -8.96
CA SER B 491 1.55 22.01 -10.22
C SER B 491 2.48 22.56 -11.28
N TYR B 492 2.23 22.19 -12.53
CA TYR B 492 3.06 22.69 -13.61
C TYR B 492 2.26 22.70 -14.91
N ILE B 493 2.64 23.60 -15.81
CA ILE B 493 1.89 23.84 -17.04
C ILE B 493 2.83 23.68 -18.23
N ASN B 494 2.35 23.06 -19.30
CA ASN B 494 3.09 23.02 -20.56
C ASN B 494 2.10 23.09 -21.72
N LYS B 495 2.57 22.85 -22.94
CA LYS B 495 1.65 22.73 -24.05
C LYS B 495 0.98 21.37 -24.02
N THR B 496 -0.09 21.24 -24.77
CA THR B 496 -0.95 20.07 -24.65
C THR B 496 -0.32 18.85 -25.33
N GLY B 497 -0.45 17.70 -24.69
CA GLY B 497 0.00 16.45 -25.25
C GLY B 497 0.61 15.51 -24.23
N THR B 498 1.27 16.05 -23.20
CA THR B 498 1.81 15.23 -22.12
C THR B 498 1.31 15.80 -20.80
N PHE B 499 0.62 14.98 -20.02
CA PHE B 499 0.21 15.40 -18.68
C PHE B 499 0.04 14.18 -17.80
N GLU B 500 -0.44 14.40 -16.58
CA GLU B 500 -0.62 13.35 -15.60
C GLU B 500 -1.88 13.62 -14.78
N PHE B 501 -2.77 12.63 -14.73
CA PHE B 501 -3.99 12.76 -13.94
C PHE B 501 -4.13 11.54 -13.05
N THR B 502 -3.90 11.75 -11.74
CA THR B 502 -3.97 10.72 -10.69
C THR B 502 -3.14 9.49 -11.03
N SER B 503 -1.88 9.74 -11.38
CA SER B 503 -0.92 8.73 -11.84
C SER B 503 -1.40 7.98 -13.07
N PHE B 504 -2.16 8.63 -13.94
CA PHE B 504 -2.34 8.18 -15.32
C PHE B 504 -1.53 9.12 -16.18
N PHE B 505 -0.48 8.61 -16.80
CA PHE B 505 0.50 9.43 -17.50
C PHE B 505 0.21 9.40 -18.99
N TYR B 506 -0.20 10.54 -19.54
CA TYR B 506 -0.63 10.65 -20.92
C TYR B 506 0.50 11.26 -21.73
N ARG B 507 0.96 10.55 -22.76
CA ARG B 507 1.90 11.08 -23.73
C ARG B 507 1.42 10.76 -25.13
N TYR B 508 0.94 11.79 -25.83
CA TYR B 508 0.65 11.76 -27.28
C TYR B 508 -0.34 10.68 -27.66
N GLY B 509 -1.32 10.45 -26.80
CA GLY B 509 -2.33 9.45 -27.07
C GLY B 509 -2.08 8.10 -26.43
N PHE B 510 -1.00 7.95 -25.67
CA PHE B 510 -0.73 6.71 -24.97
C PHE B 510 -0.82 6.96 -23.47
N VAL B 511 -1.62 6.18 -22.78
CA VAL B 511 -1.84 6.32 -21.34
C VAL B 511 -1.17 5.17 -20.63
N ALA B 512 -0.24 5.49 -19.75
CA ALA B 512 0.39 4.51 -18.87
C ALA B 512 -0.18 4.65 -17.47
N ASN B 513 -0.69 3.55 -16.93
CA ASN B 513 -1.40 3.55 -15.66
C ASN B 513 -0.50 3.02 -14.56
N PHE B 514 -0.26 3.84 -13.54
CA PHE B 514 0.50 3.43 -12.37
C PHE B 514 -0.20 3.92 -11.11
N SER B 515 -1.53 3.90 -11.12
CA SER B 515 -2.29 4.45 -10.02
C SER B 515 -2.26 3.55 -8.79
N MET B 516 -2.46 2.26 -8.99
CA MET B 516 -2.51 1.30 -7.89
C MET B 516 -1.17 0.60 -7.71
N GLU B 517 -0.94 0.13 -6.49
CA GLU B 517 0.30 -0.57 -6.17
C GLU B 517 0.25 -1.98 -6.75
N LEU B 518 1.39 -2.44 -7.26
CA LEU B 518 1.50 -3.79 -7.76
C LEU B 518 1.46 -4.77 -6.60
N PRO B 519 0.40 -5.56 -6.45
CA PRO B 519 0.22 -6.33 -5.22
C PRO B 519 1.13 -7.54 -5.17
N SER B 520 1.31 -8.05 -3.96
CA SER B 520 2.01 -9.30 -3.77
C SER B 520 1.12 -10.44 -4.23
N PHE B 521 1.64 -11.26 -5.14
CA PHE B 521 0.85 -12.37 -5.66
C PHE B 521 1.08 -13.64 -4.87
N GLY B 522 0.91 -13.54 -3.55
CA GLY B 522 1.01 -14.69 -2.68
C GLY B 522 -0.36 -15.26 -2.36
N VAL B 523 -0.36 -16.30 -1.52
CA VAL B 523 -1.62 -16.87 -1.10
C VAL B 523 -2.31 -15.94 -0.11
N ALA B 524 -3.64 -16.05 -0.04
CA ALA B 524 -4.42 -15.26 0.89
C ALA B 524 -4.70 -15.99 2.19
N GLY B 525 -4.69 -17.32 2.18
CA GLY B 525 -4.70 -18.07 3.42
C GLY B 525 -6.05 -18.63 3.82
N ASN B 526 -6.80 -19.19 2.87
CA ASN B 526 -8.03 -19.89 3.23
C ASN B 526 -7.83 -21.40 3.30
N ASN B 527 -7.51 -22.03 2.18
CA ASN B 527 -7.25 -23.46 2.08
C ASN B 527 -6.46 -23.68 0.79
N GLU B 528 -6.44 -24.91 0.28
CA GLU B 528 -5.78 -25.17 -0.98
C GLU B 528 -6.56 -24.59 -2.15
N SER B 529 -7.80 -25.08 -2.34
CA SER B 529 -8.56 -24.75 -3.55
C SER B 529 -9.00 -23.30 -3.57
N ALA B 530 -9.35 -22.74 -2.40
CA ALA B 530 -9.79 -21.36 -2.34
C ALA B 530 -8.65 -20.41 -2.69
N ASP B 531 -7.46 -20.66 -2.17
CA ASP B 531 -6.33 -19.80 -2.49
C ASP B 531 -5.89 -19.95 -3.93
N MET B 532 -6.04 -21.15 -4.50
CA MET B 532 -5.75 -21.34 -5.93
C MET B 532 -6.67 -20.50 -6.80
N SER B 533 -7.99 -20.58 -6.55
CA SER B 533 -8.94 -19.84 -7.37
C SER B 533 -8.81 -18.33 -7.15
N ILE B 534 -8.53 -17.90 -5.91
CA ILE B 534 -8.38 -16.48 -5.63
C ILE B 534 -7.15 -15.91 -6.32
N GLY B 535 -6.05 -16.66 -6.32
CA GLY B 535 -4.83 -16.19 -6.98
C GLY B 535 -4.98 -16.07 -8.49
N THR B 536 -5.64 -17.05 -9.11
CA THR B 536 -5.82 -16.98 -10.57
C THR B 536 -6.77 -15.86 -10.97
N THR B 537 -7.87 -15.67 -10.23
CA THR B 537 -8.76 -14.55 -10.56
C THR B 537 -8.12 -13.20 -10.25
N VAL B 538 -7.21 -13.14 -9.28
CA VAL B 538 -6.54 -11.87 -8.98
C VAL B 538 -5.56 -11.50 -10.11
N ILE B 539 -4.84 -12.48 -10.64
CA ILE B 539 -3.97 -12.19 -11.78
C ILE B 539 -4.79 -11.83 -13.01
N LYS B 540 -5.96 -12.45 -13.18
CA LYS B 540 -6.82 -12.11 -14.32
C LYS B 540 -7.35 -10.69 -14.23
N THR B 541 -7.86 -10.28 -13.07
CA THR B 541 -8.37 -8.93 -12.94
C THR B 541 -7.27 -7.89 -12.94
N ASN B 542 -6.05 -8.26 -12.56
CA ASN B 542 -4.96 -7.30 -12.73
C ASN B 542 -4.53 -7.19 -14.19
N MET B 543 -4.66 -8.25 -14.98
CA MET B 543 -4.42 -8.08 -16.41
C MET B 543 -5.49 -7.22 -17.05
N ILE B 544 -6.73 -7.30 -16.55
CA ILE B 544 -7.80 -6.49 -17.12
C ILE B 544 -7.66 -5.02 -16.73
N ASN B 545 -7.58 -4.75 -15.43
CA ASN B 545 -7.66 -3.37 -14.96
C ASN B 545 -6.33 -2.64 -15.07
N ASN B 546 -5.31 -3.10 -14.35
CA ASN B 546 -4.13 -2.29 -14.10
C ASN B 546 -3.01 -2.55 -15.11
N ASP B 547 -3.36 -2.88 -16.35
CA ASP B 547 -2.43 -2.90 -17.50
C ASP B 547 -1.28 -3.88 -17.30
N LEU B 548 -1.52 -4.99 -16.63
CA LEU B 548 -0.47 -5.97 -16.40
C LEU B 548 -0.11 -6.62 -17.72
N GLY B 549 1.17 -6.54 -18.09
CA GLY B 549 1.64 -7.08 -19.34
C GLY B 549 1.61 -8.59 -19.33
N PRO B 550 1.73 -9.20 -20.51
CA PRO B 550 1.66 -10.66 -20.57
C PRO B 550 2.85 -11.36 -19.92
N ALA B 551 4.06 -10.84 -20.13
CA ALA B 551 5.24 -11.47 -19.54
C ALA B 551 5.28 -11.29 -18.03
N THR B 552 4.83 -10.12 -17.56
CA THR B 552 4.69 -9.92 -16.12
C THR B 552 3.62 -10.82 -15.54
N ALA B 553 2.56 -11.12 -16.32
CA ALA B 553 1.53 -12.03 -15.85
C ALA B 553 2.06 -13.45 -15.76
N GLN B 554 2.90 -13.86 -16.70
CA GLN B 554 3.48 -15.20 -16.63
C GLN B 554 4.45 -15.32 -15.45
N MET B 555 5.24 -14.30 -15.20
CA MET B 555 6.12 -14.35 -14.04
C MET B 555 5.32 -14.28 -12.74
N ALA B 556 4.16 -13.61 -12.75
CA ALA B 556 3.31 -13.60 -11.56
C ALA B 556 2.69 -14.96 -11.30
N ILE B 557 2.31 -15.68 -12.36
CA ILE B 557 1.84 -17.06 -12.21
C ILE B 557 2.93 -17.94 -11.63
N GLN B 558 4.17 -17.75 -12.09
CA GLN B 558 5.29 -18.53 -11.55
C GLN B 558 5.54 -18.22 -10.09
N LEU B 559 5.50 -16.95 -9.70
CA LEU B 559 5.75 -16.59 -8.32
C LEU B 559 4.64 -17.06 -7.39
N PHE B 560 3.40 -17.02 -7.87
CA PHE B 560 2.29 -17.48 -7.06
C PHE B 560 2.34 -18.98 -6.87
N ILE B 561 2.70 -19.74 -7.91
CA ILE B 561 2.77 -21.19 -7.75
C ILE B 561 3.96 -21.58 -6.87
N LYS B 562 5.06 -20.83 -6.95
CA LYS B 562 6.20 -21.09 -6.07
C LYS B 562 5.86 -20.84 -4.60
N ASP B 563 5.21 -19.71 -4.30
CA ASP B 563 4.81 -19.43 -2.93
C ASP B 563 3.70 -20.36 -2.46
N TYR B 564 2.85 -20.81 -3.38
CA TYR B 564 1.81 -21.77 -3.04
C TYR B 564 2.41 -23.10 -2.64
N ARG B 565 3.35 -23.61 -3.43
CA ARG B 565 3.97 -24.89 -3.14
C ARG B 565 4.85 -24.82 -1.90
N TYR B 566 5.36 -23.63 -1.56
CA TYR B 566 6.02 -23.56 -0.26
C TYR B 566 5.01 -23.52 0.89
N THR B 567 3.93 -22.76 0.73
CA THR B 567 3.06 -22.45 1.87
C THR B 567 2.28 -23.67 2.33
N TYR B 568 1.85 -24.51 1.40
CA TYR B 568 1.06 -25.68 1.74
C TYR B 568 1.87 -26.96 1.69
N ARG B 569 3.20 -26.86 1.59
CA ARG B 569 4.14 -27.98 1.64
C ARG B 569 3.85 -29.04 0.57
N CYS B 570 3.39 -28.60 -0.59
CA CYS B 570 2.86 -29.51 -1.58
C CYS B 570 3.64 -29.47 -2.89
N HIS B 571 4.96 -29.57 -2.80
CA HIS B 571 5.83 -29.54 -3.97
C HIS B 571 5.60 -30.74 -4.87
N ARG B 572 6.28 -30.75 -6.01
CA ARG B 572 6.00 -31.73 -7.05
C ARG B 572 6.45 -33.12 -6.63
N GLY B 573 5.96 -34.12 -7.35
CA GLY B 573 6.18 -35.50 -6.94
C GLY B 573 7.59 -35.99 -7.22
N ASP B 574 8.19 -35.54 -8.31
CA ASP B 574 9.52 -36.00 -8.69
C ASP B 574 10.63 -35.20 -8.03
N THR B 575 10.32 -34.43 -6.99
CA THR B 575 11.27 -33.50 -6.40
C THR B 575 12.30 -34.23 -5.54
N ASN B 576 13.29 -33.47 -5.08
CA ASN B 576 14.29 -33.95 -4.16
C ASN B 576 14.24 -33.24 -2.82
N LEU B 577 13.16 -32.51 -2.55
CA LEU B 577 12.99 -31.85 -1.26
C LEU B 577 12.42 -32.85 -0.26
N GLU B 578 12.09 -32.38 0.93
CA GLU B 578 11.48 -33.23 1.95
C GLU B 578 10.76 -32.35 2.96
N THR B 579 9.48 -32.63 3.17
CA THR B 579 8.69 -31.98 4.21
C THR B 579 7.82 -33.05 4.85
N ARG B 580 6.84 -32.61 5.64
CA ARG B 580 5.97 -33.56 6.33
C ARG B 580 4.98 -34.24 5.40
N ARG B 581 4.82 -33.77 4.17
CA ARG B 581 3.88 -34.38 3.25
C ARG B 581 4.54 -35.17 2.14
N THR B 582 5.88 -35.13 2.01
CA THR B 582 6.56 -35.67 0.85
C THR B 582 6.49 -37.18 0.77
N LYS B 583 6.23 -37.86 1.88
CA LYS B 583 6.07 -39.31 1.85
C LYS B 583 4.79 -39.71 1.11
N SER B 584 3.66 -39.17 1.54
CA SER B 584 2.39 -39.53 0.91
C SER B 584 2.26 -38.88 -0.46
N ILE B 585 2.87 -37.72 -0.65
CA ILE B 585 2.91 -37.12 -1.99
C ILE B 585 3.75 -37.96 -2.93
N LYS B 586 4.84 -38.55 -2.42
CA LYS B 586 5.66 -39.44 -3.22
C LYS B 586 4.91 -40.71 -3.60
N ARG B 587 4.17 -41.28 -2.65
CA ARG B 587 3.41 -42.49 -2.94
C ARG B 587 2.27 -42.23 -3.92
N LEU B 588 1.60 -41.08 -3.76
CA LEU B 588 0.54 -40.70 -4.69
C LEU B 588 1.09 -40.42 -6.08
N TRP B 589 2.29 -39.86 -6.17
CA TRP B 589 2.91 -39.61 -7.46
C TRP B 589 3.29 -40.91 -8.16
N THR B 590 3.91 -41.84 -7.42
CA THR B 590 4.38 -43.07 -8.05
C THR B 590 3.25 -44.03 -8.37
N GLU B 591 2.14 -43.96 -7.64
CA GLU B 591 1.11 -44.98 -7.82
C GLU B 591 0.18 -44.66 -8.99
N THR B 592 -0.29 -43.44 -9.09
CA THR B 592 -1.23 -43.10 -10.17
C THR B 592 -0.50 -42.95 -11.49
N ILE B 593 -1.23 -43.20 -12.58
CA ILE B 593 -0.60 -43.39 -13.89
C ILE B 593 -0.57 -42.09 -14.68
N SER B 594 -1.73 -41.49 -14.92
CA SER B 594 -1.76 -40.24 -15.68
C SER B 594 -1.35 -39.12 -14.74
N LYS B 595 -0.04 -38.88 -14.67
CA LYS B 595 0.51 -37.97 -13.68
C LYS B 595 0.24 -36.51 -13.98
N ALA B 596 -0.18 -36.18 -15.19
CA ALA B 596 -0.49 -34.79 -15.53
C ALA B 596 -1.88 -34.37 -15.08
N GLY B 597 -2.60 -35.22 -14.35
CA GLY B 597 -3.97 -34.93 -13.99
C GLY B 597 -4.17 -34.62 -12.54
N LEU B 598 -3.14 -34.78 -11.73
CA LEU B 598 -3.24 -34.48 -10.31
C LEU B 598 -3.23 -32.97 -10.10
N LEU B 599 -3.91 -32.53 -9.04
CA LEU B 599 -3.89 -31.12 -8.70
C LEU B 599 -2.53 -30.73 -8.12
N VAL B 600 -2.32 -29.41 -7.96
CA VAL B 600 -1.05 -28.92 -7.44
C VAL B 600 -0.87 -29.33 -5.99
N ALA B 601 -1.95 -29.29 -5.20
CA ALA B 601 -1.89 -29.72 -3.81
C ALA B 601 -1.73 -31.23 -3.66
N ASP B 602 -1.88 -31.98 -4.74
CA ASP B 602 -1.47 -33.38 -4.78
C ASP B 602 -0.11 -33.55 -5.43
N GLY B 603 0.62 -32.46 -5.67
CA GLY B 603 1.92 -32.55 -6.31
C GLY B 603 1.87 -32.79 -7.79
N GLY B 604 0.80 -32.37 -8.46
CA GLY B 604 0.71 -32.48 -9.89
C GLY B 604 1.30 -31.28 -10.57
N PRO B 605 1.37 -31.30 -11.90
CA PRO B 605 1.95 -30.17 -12.62
C PRO B 605 1.00 -28.99 -12.70
N ASN B 606 1.58 -27.80 -12.66
CA ASN B 606 0.81 -26.58 -12.80
C ASN B 606 0.27 -26.45 -14.22
N PRO B 607 -1.02 -26.32 -14.41
CA PRO B 607 -1.57 -26.30 -15.77
C PRO B 607 -1.82 -24.91 -16.33
N TYR B 608 -1.67 -23.88 -15.50
CA TYR B 608 -2.17 -22.55 -15.84
C TYR B 608 -1.28 -21.84 -16.85
N ASN B 609 -1.92 -21.00 -17.65
CA ASN B 609 -1.24 -20.06 -18.52
C ASN B 609 -2.17 -18.87 -18.69
N LEU B 610 -1.91 -18.03 -19.69
CA LEU B 610 -2.65 -16.78 -19.80
C LEU B 610 -4.08 -16.96 -20.31
N ARG B 611 -4.31 -17.93 -21.19
CA ARG B 611 -5.63 -18.09 -21.79
C ARG B 611 -6.63 -18.79 -20.87
N ASN B 612 -6.20 -19.37 -19.76
CA ASN B 612 -7.07 -20.21 -18.95
C ASN B 612 -6.96 -19.84 -17.48
N LEU B 613 -6.94 -18.56 -17.17
CA LEU B 613 -6.93 -18.16 -15.77
C LEU B 613 -8.32 -18.16 -15.17
N HIS B 614 -9.38 -18.15 -16.00
CA HIS B 614 -10.73 -18.06 -15.49
C HIS B 614 -11.37 -19.40 -15.23
N ILE B 615 -10.66 -20.50 -15.49
CA ILE B 615 -11.18 -21.85 -15.30
C ILE B 615 -10.64 -22.38 -13.98
N PRO B 616 -11.47 -22.90 -13.08
CA PRO B 616 -10.96 -23.51 -11.86
C PRO B 616 -10.21 -24.80 -12.15
N GLU B 617 -9.37 -25.20 -11.19
CA GLU B 617 -8.34 -26.19 -11.47
C GLU B 617 -8.92 -27.58 -11.64
N VAL B 618 -10.05 -27.86 -10.99
CA VAL B 618 -10.64 -29.20 -11.08
C VAL B 618 -11.23 -29.44 -12.45
N CYS B 619 -11.68 -28.38 -13.11
CA CYS B 619 -12.29 -28.53 -14.42
C CYS B 619 -11.25 -28.61 -15.52
N LEU B 620 -10.07 -28.05 -15.28
CA LEU B 620 -9.03 -28.03 -16.30
C LEU B 620 -8.39 -29.40 -16.47
N LYS B 621 -8.43 -30.23 -15.42
CA LYS B 621 -7.80 -31.55 -15.44
C LYS B 621 -8.82 -32.69 -15.37
N TRP B 622 -10.06 -32.44 -15.79
CA TRP B 622 -11.11 -33.42 -15.60
C TRP B 622 -10.94 -34.61 -16.53
N SER B 623 -10.75 -34.36 -17.82
CA SER B 623 -10.56 -35.44 -18.77
C SER B 623 -9.20 -36.10 -18.66
N LEU B 624 -8.26 -35.50 -17.94
CA LEU B 624 -6.93 -36.08 -17.77
C LEU B 624 -6.83 -36.98 -16.55
N MET B 625 -7.79 -36.90 -15.63
CA MET B 625 -7.71 -37.69 -14.42
C MET B 625 -8.11 -39.14 -14.68
N ASP B 626 -7.36 -40.07 -14.12
CA ASP B 626 -7.83 -41.44 -14.06
C ASP B 626 -8.97 -41.54 -13.06
N PRO B 627 -10.00 -42.34 -13.34
CA PRO B 627 -11.27 -42.20 -12.61
C PRO B 627 -11.22 -42.64 -11.16
N ASP B 628 -10.23 -43.46 -10.77
CA ASP B 628 -10.08 -43.78 -9.36
C ASP B 628 -9.61 -42.58 -8.57
N TYR B 629 -8.69 -41.79 -9.14
CA TYR B 629 -8.22 -40.58 -8.48
C TYR B 629 -9.33 -39.54 -8.37
N ARG B 630 -10.10 -39.37 -9.45
CA ARG B 630 -11.20 -38.42 -9.45
C ARG B 630 -12.28 -38.83 -8.46
N GLY B 631 -12.61 -40.12 -8.42
CA GLY B 631 -13.59 -40.60 -7.46
C GLY B 631 -13.13 -40.50 -6.03
N ARG B 632 -11.84 -40.70 -5.79
CA ARG B 632 -11.32 -40.48 -4.43
C ARG B 632 -11.32 -39.00 -4.08
N LEU B 633 -11.23 -38.12 -5.08
CA LEU B 633 -11.19 -36.69 -4.81
C LEU B 633 -12.55 -36.16 -4.39
N CYS B 634 -13.55 -36.28 -5.28
CA CYS B 634 -14.82 -35.57 -5.11
C CYS B 634 -15.89 -36.43 -4.43
N ASN B 635 -15.49 -37.32 -3.53
CA ASN B 635 -16.43 -38.05 -2.70
C ASN B 635 -17.09 -37.08 -1.73
N PRO B 636 -18.42 -37.08 -1.61
CA PRO B 636 -19.05 -36.24 -0.57
C PRO B 636 -18.87 -36.76 0.84
N ASN B 637 -18.55 -38.04 1.00
CA ASN B 637 -18.54 -38.69 2.31
C ASN B 637 -17.32 -38.37 3.14
N ASN B 638 -16.36 -37.61 2.62
CA ASN B 638 -15.19 -37.27 3.41
C ASN B 638 -15.57 -36.25 4.49
N PRO B 639 -14.91 -36.28 5.64
CA PRO B 639 -15.26 -35.36 6.73
C PRO B 639 -14.58 -34.00 6.70
N PHE B 640 -13.90 -33.66 5.62
CA PHE B 640 -13.09 -32.45 5.62
C PHE B 640 -13.89 -31.20 5.29
N VAL B 641 -14.88 -31.32 4.41
CA VAL B 641 -15.59 -30.15 3.92
C VAL B 641 -16.60 -29.66 4.96
N TYR B 666 -13.79 -16.04 -5.16
CA TYR B 666 -13.52 -17.31 -5.82
C TYR B 666 -14.81 -18.05 -6.14
N ASP B 667 -14.85 -18.66 -7.32
CA ASP B 667 -16.01 -19.40 -7.80
C ASP B 667 -15.51 -20.78 -8.21
N ALA B 668 -15.45 -21.70 -7.26
CA ALA B 668 -14.69 -22.94 -7.45
C ALA B 668 -15.52 -24.16 -7.08
N VAL B 669 -14.93 -25.32 -7.36
CA VAL B 669 -15.46 -26.64 -7.06
C VAL B 669 -15.19 -26.94 -5.58
N ALA B 670 -15.76 -28.03 -5.07
CA ALA B 670 -15.48 -28.49 -3.72
C ALA B 670 -14.82 -29.87 -3.78
N THR B 671 -13.61 -29.98 -3.25
CA THR B 671 -12.92 -31.26 -3.14
C THR B 671 -12.45 -31.48 -1.71
N THR B 672 -11.68 -32.54 -1.48
CA THR B 672 -11.13 -32.77 -0.15
C THR B 672 -10.09 -31.73 0.24
N HIS B 673 -9.49 -31.06 -0.75
CA HIS B 673 -8.57 -29.97 -0.45
C HIS B 673 -9.28 -28.74 0.10
N SER B 674 -10.60 -28.66 -0.07
CA SER B 674 -11.38 -27.55 0.48
C SER B 674 -11.73 -27.81 1.95
N TRP B 675 -10.71 -27.90 2.78
CA TRP B 675 -10.92 -28.15 4.19
C TRP B 675 -11.08 -26.82 4.95
N THR B 676 -11.23 -26.93 6.26
CA THR B 676 -11.45 -25.77 7.12
C THR B 676 -10.33 -25.73 8.15
N PRO B 677 -9.58 -24.63 8.25
CA PRO B 677 -8.39 -24.62 9.10
C PRO B 677 -8.70 -24.59 10.58
N LYS B 678 -7.66 -24.72 11.40
CA LYS B 678 -7.77 -24.72 12.86
C LYS B 678 -8.12 -23.33 13.35
N ARG B 679 -9.15 -23.22 14.19
CA ARG B 679 -9.52 -21.92 14.74
C ARG B 679 -8.54 -21.49 15.82
N ASN B 680 -8.60 -20.21 16.18
CA ASN B 680 -7.83 -19.69 17.29
C ASN B 680 -8.34 -20.24 18.60
N ARG B 681 -7.43 -20.78 19.41
CA ARG B 681 -7.79 -21.40 20.70
C ARG B 681 -8.16 -20.34 21.73
N ASN C 51 -2.99 -10.32 10.18
CA ASN C 51 -2.59 -10.84 8.87
C ASN C 51 -3.00 -12.30 8.74
N PRO C 52 -3.85 -12.60 7.76
CA PRO C 52 -4.30 -13.99 7.58
C PRO C 52 -3.31 -14.84 6.82
N ALA C 53 -2.54 -14.22 5.91
CA ALA C 53 -1.54 -14.96 5.16
C ALA C 53 -0.40 -15.40 6.07
N LEU C 54 0.07 -14.51 6.93
CA LEU C 54 1.11 -14.86 7.88
C LEU C 54 0.61 -15.87 8.90
N ARG C 55 -0.67 -15.77 9.27
CA ARG C 55 -1.26 -16.73 10.19
C ARG C 55 -1.31 -18.12 9.58
N MET C 56 -1.68 -18.20 8.30
CA MET C 56 -1.65 -19.48 7.58
C MET C 56 -0.23 -20.01 7.45
N LYS C 57 0.75 -19.12 7.26
CA LYS C 57 2.12 -19.56 7.06
C LYS C 57 2.74 -20.10 8.34
N TRP C 58 2.44 -19.51 9.50
CA TRP C 58 2.97 -20.10 10.71
C TRP C 58 2.07 -21.18 11.28
N MET C 59 0.82 -21.29 10.82
CA MET C 59 -0.04 -22.38 11.23
C MET C 59 0.20 -23.66 10.44
N MET C 60 0.60 -23.54 9.17
CA MET C 60 0.96 -24.73 8.41
C MET C 60 2.30 -25.30 8.86
N ALA C 61 3.15 -24.49 9.50
CA ALA C 61 4.42 -24.98 9.99
C ALA C 61 4.26 -25.91 11.18
N MET C 62 3.21 -25.71 11.98
CA MET C 62 2.94 -26.60 13.09
C MET C 62 2.39 -27.94 12.58
N LYS C 63 2.31 -28.91 13.49
CA LYS C 63 2.06 -30.28 13.08
C LYS C 63 0.63 -30.50 12.64
N TYR C 64 -0.34 -29.93 13.35
CA TYR C 64 -1.77 -30.22 13.11
C TYR C 64 -2.53 -28.94 12.81
N PRO C 65 -2.67 -28.57 11.53
CA PRO C 65 -3.32 -27.32 11.18
C PRO C 65 -4.78 -27.42 10.75
N ILE C 66 -5.30 -28.62 10.54
CA ILE C 66 -6.60 -28.80 9.93
C ILE C 66 -7.56 -29.38 10.96
N SER C 67 -8.74 -28.78 11.06
CA SER C 67 -9.79 -29.23 11.96
C SER C 67 -10.75 -30.12 11.18
N ALA C 68 -10.57 -31.43 11.31
CA ALA C 68 -11.44 -32.38 10.63
C ALA C 68 -12.57 -32.81 11.54
N SER C 69 -13.65 -33.28 10.91
CA SER C 69 -14.86 -33.66 11.64
C SER C 69 -14.62 -34.91 12.48
N SER C 70 -15.42 -35.06 13.53
CA SER C 70 -15.17 -36.07 14.55
C SER C 70 -15.47 -37.49 14.11
N ARG C 71 -15.96 -37.71 12.88
CA ARG C 71 -16.18 -39.04 12.37
C ARG C 71 -15.04 -39.52 11.48
N ILE C 72 -13.86 -38.91 11.59
CA ILE C 72 -12.72 -39.32 10.78
C ILE C 72 -12.05 -40.56 11.33
N ARG C 73 -12.34 -40.96 12.56
CA ARG C 73 -11.63 -42.08 13.17
C ARG C 73 -12.11 -43.43 12.68
N GLU C 74 -13.23 -43.48 11.95
CA GLU C 74 -13.79 -44.73 11.48
C GLU C 74 -13.39 -45.08 10.06
N MET C 75 -12.53 -44.30 9.42
CA MET C 75 -12.13 -44.59 8.05
C MET C 75 -10.62 -44.62 7.89
N ILE C 76 -9.91 -43.78 8.62
CA ILE C 76 -8.47 -43.61 8.42
C ILE C 76 -7.74 -43.75 9.75
N PRO C 77 -6.66 -44.55 9.82
CA PRO C 77 -6.02 -44.84 11.11
C PRO C 77 -5.20 -43.69 11.67
N GLU C 78 -4.52 -43.94 12.79
CA GLU C 78 -3.71 -42.90 13.42
C GLU C 78 -2.33 -42.78 12.78
N LYS C 79 -1.59 -43.87 12.75
CA LYS C 79 -0.24 -43.87 12.20
C LYS C 79 -0.29 -44.05 10.69
N ASP C 80 0.78 -43.61 10.04
CA ASP C 80 0.93 -43.80 8.60
C ASP C 80 1.71 -45.08 8.33
N GLU C 81 1.87 -45.41 7.06
CA GLU C 81 2.83 -46.43 6.66
C GLU C 81 4.26 -45.90 6.69
N ASP C 82 4.44 -44.59 6.81
CA ASP C 82 5.74 -43.95 6.74
C ASP C 82 6.14 -43.29 8.05
N GLY C 83 5.33 -43.44 9.10
CA GLY C 83 5.68 -42.96 10.42
C GLY C 83 5.06 -41.64 10.82
N ASN C 84 3.96 -41.23 10.20
CA ASN C 84 3.32 -39.97 10.53
C ASN C 84 1.99 -40.21 11.21
N THR C 85 1.63 -39.31 12.12
CA THR C 85 0.37 -39.39 12.84
C THR C 85 -0.68 -38.61 12.08
N LEU C 86 -1.85 -39.21 11.90
CA LEU C 86 -2.90 -38.59 11.09
C LEU C 86 -3.95 -37.86 11.92
N TRP C 87 -4.09 -38.18 13.21
CA TRP C 87 -4.96 -37.42 14.11
C TRP C 87 -4.49 -37.63 15.54
N THR C 88 -4.66 -36.61 16.36
CA THR C 88 -4.53 -36.76 17.79
C THR C 88 -5.91 -37.04 18.37
N ASN C 89 -6.05 -36.90 19.68
CA ASN C 89 -7.36 -36.93 20.33
C ASN C 89 -7.72 -35.57 20.90
N THR C 90 -7.35 -34.51 20.19
CA THR C 90 -7.69 -33.16 20.60
C THR C 90 -9.04 -32.74 20.01
N LYS C 91 -9.50 -31.57 20.41
CA LYS C 91 -10.68 -30.93 19.85
C LYS C 91 -10.33 -29.48 19.48
N ASP C 92 -11.27 -28.82 18.84
CA ASP C 92 -11.09 -27.43 18.43
C ASP C 92 -11.51 -26.51 19.58
N ALA C 93 -11.68 -25.23 19.29
CA ALA C 93 -12.13 -24.25 20.29
C ALA C 93 -13.63 -24.42 20.50
N GLY C 94 -13.99 -25.37 21.37
CA GLY C 94 -15.37 -25.59 21.75
C GLY C 94 -16.15 -26.55 20.89
N SER C 95 -15.87 -26.63 19.60
CA SER C 95 -16.60 -27.50 18.69
C SER C 95 -15.82 -28.79 18.52
N ASN C 96 -16.50 -29.92 18.76
CA ASN C 96 -15.85 -31.22 18.85
C ASN C 96 -15.41 -31.72 17.49
N ARG C 97 -14.36 -31.12 16.94
CA ARG C 97 -13.76 -31.55 15.68
C ARG C 97 -12.29 -31.85 15.93
N VAL C 98 -11.88 -33.08 15.64
CA VAL C 98 -10.56 -33.55 16.00
C VAL C 98 -9.53 -33.02 15.00
N LEU C 99 -8.40 -32.53 15.53
CA LEU C 99 -7.33 -31.95 14.73
C LEU C 99 -6.57 -33.04 13.99
N VAL C 100 -6.23 -32.76 12.72
CA VAL C 100 -5.49 -33.69 11.88
C VAL C 100 -4.29 -32.98 11.26
N SER C 101 -3.49 -33.78 10.56
CA SER C 101 -2.34 -33.41 9.74
C SER C 101 -2.73 -33.45 8.27
N PRO C 102 -2.04 -32.70 7.40
CA PRO C 102 -2.36 -32.76 5.95
C PRO C 102 -2.03 -34.10 5.29
N ASN C 103 -1.21 -34.93 5.95
CA ASN C 103 -0.98 -36.29 5.47
C ASN C 103 -2.27 -37.11 5.45
N ALA C 104 -3.24 -36.75 6.30
CA ALA C 104 -4.56 -37.36 6.22
C ALA C 104 -5.24 -37.02 4.91
N VAL C 105 -5.09 -35.79 4.44
CA VAL C 105 -5.72 -35.37 3.19
C VAL C 105 -5.07 -36.08 2.00
N THR C 106 -3.73 -36.17 2.01
CA THR C 106 -3.06 -36.91 0.94
C THR C 106 -3.36 -38.42 1.01
N TRP C 107 -3.55 -38.94 2.22
CA TRP C 107 -3.92 -40.33 2.40
C TRP C 107 -5.29 -40.62 1.81
N TRP C 108 -6.24 -39.69 2.01
CA TRP C 108 -7.55 -39.86 1.41
C TRP C 108 -7.48 -39.75 -0.10
N ASN C 109 -6.60 -38.88 -0.60
CA ASN C 109 -6.53 -38.71 -2.06
C ASN C 109 -5.92 -39.91 -2.75
N ARG C 110 -4.98 -40.62 -2.10
CA ARG C 110 -4.39 -41.78 -2.76
C ARG C 110 -5.04 -43.11 -2.39
N ALA C 111 -5.71 -43.21 -1.24
CA ALA C 111 -6.21 -44.50 -0.77
C ALA C 111 -7.59 -44.38 -0.14
N GLY C 112 -8.43 -43.49 -0.64
CA GLY C 112 -9.74 -43.29 -0.07
C GLY C 112 -10.79 -44.21 -0.65
N PRO C 113 -12.01 -44.14 -0.13
CA PRO C 113 -13.13 -44.89 -0.72
C PRO C 113 -13.62 -44.27 -2.02
N VAL C 114 -13.49 -45.01 -3.11
CA VAL C 114 -13.89 -44.54 -4.43
C VAL C 114 -15.41 -44.51 -4.51
N SER C 115 -15.96 -43.33 -4.74
CA SER C 115 -17.38 -43.17 -5.00
C SER C 115 -17.59 -42.93 -6.49
N ASP C 116 -18.82 -42.58 -6.86
CA ASP C 116 -19.17 -42.28 -8.25
C ASP C 116 -19.42 -40.78 -8.40
N VAL C 117 -18.83 -40.20 -9.44
CA VAL C 117 -18.91 -38.77 -9.71
C VAL C 117 -19.24 -38.59 -11.19
N VAL C 118 -20.53 -38.48 -11.51
CA VAL C 118 -20.97 -38.35 -12.88
C VAL C 118 -21.87 -37.13 -13.01
N HIS C 119 -22.34 -36.62 -11.88
CA HIS C 119 -23.22 -35.46 -11.88
C HIS C 119 -22.47 -34.14 -11.95
N TYR C 120 -21.16 -34.15 -11.81
CA TYR C 120 -20.34 -32.94 -11.86
C TYR C 120 -20.30 -32.24 -13.23
N PRO C 121 -20.47 -32.90 -14.38
CA PRO C 121 -20.78 -32.13 -15.60
C PRO C 121 -22.10 -31.37 -15.57
N ARG C 122 -23.01 -31.68 -14.64
CA ARG C 122 -24.24 -30.91 -14.48
C ARG C 122 -24.28 -30.07 -13.21
N VAL C 123 -23.56 -30.48 -12.16
CA VAL C 123 -23.59 -29.73 -10.90
C VAL C 123 -22.77 -28.46 -11.02
N TYR C 124 -21.56 -28.57 -11.54
CA TYR C 124 -20.68 -27.41 -11.68
C TYR C 124 -20.51 -27.12 -13.17
N LYS C 125 -21.63 -27.11 -13.89
CA LYS C 125 -21.65 -27.15 -15.34
C LYS C 125 -21.05 -25.90 -15.98
N MET C 126 -21.18 -24.74 -15.34
CA MET C 126 -20.72 -23.49 -15.95
C MET C 126 -19.20 -23.44 -16.08
N TYR C 127 -18.49 -24.13 -15.19
CA TYR C 127 -17.04 -24.16 -15.27
C TYR C 127 -16.57 -25.03 -16.43
N PHE C 128 -17.23 -26.17 -16.62
CA PHE C 128 -16.94 -27.01 -17.78
C PHE C 128 -17.40 -26.34 -19.08
N ASP C 129 -18.40 -25.46 -18.99
CA ASP C 129 -18.81 -24.67 -20.13
C ASP C 129 -17.73 -23.67 -20.52
N ARG C 130 -17.12 -23.02 -19.52
CA ARG C 130 -15.94 -22.18 -19.76
C ARG C 130 -14.82 -22.96 -20.42
N LEU C 131 -14.54 -24.16 -19.91
CA LEU C 131 -13.47 -24.99 -20.46
C LEU C 131 -13.73 -25.38 -21.91
N GLU C 132 -14.97 -25.80 -22.21
CA GLU C 132 -15.29 -26.24 -23.57
C GLU C 132 -15.33 -25.08 -24.55
N ARG C 133 -15.78 -23.91 -24.11
CA ARG C 133 -15.72 -22.74 -24.99
C ARG C 133 -14.29 -22.23 -25.17
N LEU C 134 -13.38 -22.56 -24.26
CA LEU C 134 -11.97 -22.25 -24.52
C LEU C 134 -11.36 -23.22 -25.52
N THR C 135 -11.46 -24.53 -25.24
CA THR C 135 -10.65 -25.52 -25.95
C THR C 135 -11.16 -25.81 -27.35
N HIS C 136 -12.46 -25.64 -27.61
CA HIS C 136 -12.98 -25.81 -28.96
C HIS C 136 -12.94 -24.53 -29.77
N GLY C 137 -12.43 -23.44 -29.20
CA GLY C 137 -12.23 -22.22 -29.95
C GLY C 137 -10.82 -22.10 -30.50
N THR C 138 -10.72 -21.50 -31.68
CA THR C 138 -9.45 -21.33 -32.38
C THR C 138 -8.98 -19.90 -32.24
N PHE C 139 -7.67 -19.69 -32.33
CA PHE C 139 -7.10 -18.37 -32.11
C PHE C 139 -6.83 -17.65 -33.42
N GLY C 140 -6.30 -16.43 -33.31
CA GLY C 140 -6.00 -15.61 -34.46
C GLY C 140 -4.75 -14.78 -34.26
N PRO C 141 -4.51 -13.81 -35.14
CA PRO C 141 -3.27 -13.05 -35.10
C PRO C 141 -3.27 -12.00 -34.01
N VAL C 142 -2.10 -11.41 -33.79
CA VAL C 142 -1.92 -10.33 -32.83
C VAL C 142 -1.98 -9.02 -33.61
N LYS C 143 -3.14 -8.38 -33.60
CA LYS C 143 -3.36 -7.15 -34.33
C LYS C 143 -2.92 -5.99 -33.46
N PHE C 144 -1.78 -5.37 -33.80
CA PHE C 144 -1.27 -4.23 -33.05
C PHE C 144 -1.91 -2.95 -33.57
N TYR C 145 -2.35 -2.11 -32.64
CA TYR C 145 -3.02 -0.87 -32.99
C TYR C 145 -2.80 0.15 -31.87
N TYR C 237 -15.73 -13.45 -24.70
CA TYR C 237 -15.91 -12.02 -24.89
C TYR C 237 -15.53 -11.26 -23.63
N VAL C 238 -16.51 -11.08 -22.74
CA VAL C 238 -16.25 -10.42 -21.47
C VAL C 238 -15.42 -11.31 -20.56
N GLU C 239 -15.52 -12.63 -20.74
CA GLU C 239 -14.76 -13.55 -19.90
C GLU C 239 -13.27 -13.51 -20.20
N VAL C 240 -12.92 -13.44 -21.48
CA VAL C 240 -11.54 -13.54 -21.92
C VAL C 240 -10.93 -12.17 -22.22
N LEU C 241 -11.47 -11.11 -21.61
CA LEU C 241 -10.99 -9.76 -21.90
C LEU C 241 -9.62 -9.48 -21.28
N HIS C 242 -9.10 -10.38 -20.45
CA HIS C 242 -7.68 -10.31 -20.11
C HIS C 242 -6.80 -10.84 -21.23
N LEU C 243 -7.36 -11.62 -22.15
CA LEU C 243 -6.59 -12.32 -23.17
C LEU C 243 -6.64 -11.65 -24.54
N THR C 244 -7.79 -11.14 -24.95
CA THR C 244 -7.96 -10.65 -26.31
C THR C 244 -8.13 -9.14 -26.40
N GLN C 245 -7.77 -8.39 -25.37
CA GLN C 245 -7.81 -6.93 -25.42
C GLN C 245 -6.82 -6.41 -24.40
N GLY C 246 -5.69 -5.90 -24.87
CA GLY C 246 -4.63 -5.47 -23.98
C GLY C 246 -4.44 -3.97 -23.88
N THR C 247 -3.26 -3.56 -23.39
CA THR C 247 -2.96 -2.14 -23.24
C THR C 247 -2.80 -1.48 -24.61
N CYS C 248 -1.91 -2.01 -25.43
CA CYS C 248 -1.70 -1.52 -26.80
C CYS C 248 -2.17 -2.49 -27.86
N TRP C 249 -1.86 -3.78 -27.70
CA TRP C 249 -2.20 -4.78 -28.70
C TRP C 249 -3.65 -5.23 -28.55
N GLU C 250 -4.06 -6.13 -29.44
CA GLU C 250 -5.26 -6.93 -29.26
C GLU C 250 -5.03 -8.25 -29.99
N GLN C 251 -6.05 -9.10 -30.01
CA GLN C 251 -5.91 -10.42 -30.62
C GLN C 251 -7.26 -10.89 -31.10
N GLN C 252 -7.31 -11.31 -32.37
CA GLN C 252 -8.50 -11.96 -32.89
C GLN C 252 -8.71 -13.31 -32.22
N TYR C 253 -9.95 -13.59 -31.80
CA TYR C 253 -10.24 -14.82 -31.09
C TYR C 253 -11.65 -15.26 -31.45
N THR C 254 -11.75 -16.31 -32.26
CA THR C 254 -13.09 -16.84 -32.45
C THR C 254 -13.37 -17.91 -31.40
N PRO C 255 -14.55 -17.93 -30.82
CA PRO C 255 -14.86 -18.93 -29.80
C PRO C 255 -15.17 -20.29 -30.40
N GLY C 256 -15.61 -21.24 -29.57
CA GLY C 256 -15.96 -22.55 -30.06
C GLY C 256 -17.22 -22.55 -30.90
N GLY C 257 -17.05 -22.75 -32.20
CA GLY C 257 -18.18 -22.78 -33.12
C GLY C 257 -18.63 -21.41 -33.56
#